data_4OF8
#
_entry.id   4OF8
#
_cell.length_a   59.941
_cell.length_b   77.935
_cell.length_c   121.097
_cell.angle_alpha   90.00
_cell.angle_beta   95.44
_cell.angle_gamma   90.00
#
_symmetry.space_group_name_H-M   'P 1 21 1'
#
loop_
_entity.id
_entity.type
_entity.pdbx_description
1 polymer 'Irregular chiasm C-roughest protein'
2 non-polymer 'SODIUM ION'
3 non-polymer GLYCEROL
4 water water
#
_entity_poly.entity_id   1
_entity_poly.type   'polypeptide(L)'
_entity_poly.pdbx_seq_one_letter_code
;ADPSPYTSYQNQRFAMEPQDQTAVVGARVTLPCRVINKQGTLQWTKDDFGLGTSRDLSGFERYAMVGSDEEGDYSLDIYP
VMLDDDARYQCQVSPGPEGQPAIRSTFAGLTVLVPPEAPKITQGDVIYATEDRKVEIECVSVGGKPAAEITWIDGLGNVL
TDNIEYTVIPLPDQRRFTAKSVLRLTPKKEHHNTNFSCQAQNTADRTYRSAKIRVEVKYAPHHHHHHH
;
_entity_poly.pdbx_strand_id   A,B,C,D
#
loop_
_chem_comp.id
_chem_comp.type
_chem_comp.name
_chem_comp.formula
GOL non-polymer GLYCEROL 'C3 H8 O3'
NA non-polymer 'SODIUM ION' 'Na 1'
#
# COMPACT_ATOMS: atom_id res chain seq x y z
N TYR A 9 27.83 12.18 -35.70
CA TYR A 9 28.77 12.66 -34.69
C TYR A 9 28.04 13.54 -33.66
N GLN A 10 27.44 14.61 -34.15
CA GLN A 10 26.69 15.54 -33.29
C GLN A 10 25.21 15.17 -33.21
N ASN A 11 24.83 14.07 -33.86
CA ASN A 11 23.43 13.62 -33.81
C ASN A 11 22.98 13.22 -32.41
N GLN A 12 21.71 13.49 -32.10
CA GLN A 12 21.16 13.11 -30.80
C GLN A 12 21.35 11.62 -30.53
N ARG A 13 21.65 11.30 -29.29
CA ARG A 13 21.92 9.92 -28.87
C ARG A 13 21.65 9.77 -27.37
N PHE A 14 21.41 8.55 -26.92
CA PHE A 14 21.11 8.33 -25.49
C PHE A 14 22.37 8.26 -24.61
N ALA A 15 22.36 9.02 -23.53
CA ALA A 15 23.34 8.84 -22.44
C ALA A 15 22.90 7.73 -21.48
N MET A 16 21.59 7.55 -21.35
CA MET A 16 21.02 6.50 -20.49
C MET A 16 19.70 6.08 -21.06
N GLU A 17 19.44 4.77 -21.01
CA GLU A 17 18.21 4.17 -21.52
C GLU A 17 17.59 3.37 -20.41
N PRO A 18 16.26 3.16 -20.44
CA PRO A 18 15.64 2.40 -19.35
C PRO A 18 15.94 0.89 -19.39
N GLN A 19 15.95 0.27 -18.21
CA GLN A 19 16.08 -1.18 -18.11
C GLN A 19 14.89 -1.77 -17.36
N ASP A 20 14.66 -3.08 -17.50
CA ASP A 20 13.56 -3.75 -16.78
C ASP A 20 13.60 -3.42 -15.31
N GLN A 21 12.44 -3.19 -14.73
CA GLN A 21 12.34 -2.96 -13.29
C GLN A 21 11.15 -3.71 -12.73
N THR A 22 11.22 -3.97 -11.43
CA THR A 22 10.12 -4.57 -10.68
C THR A 22 9.74 -3.64 -9.54
N ALA A 23 8.45 -3.46 -9.30
CA ALA A 23 7.98 -2.53 -8.27
C ALA A 23 6.68 -3.01 -7.66
N VAL A 24 6.49 -2.74 -6.38
CA VAL A 24 5.25 -3.12 -5.69
C VAL A 24 4.22 -2.01 -5.84
N VAL A 25 2.95 -2.38 -5.94
CA VAL A 25 1.87 -1.40 -5.93
C VAL A 25 2.03 -0.39 -4.78
N GLY A 26 1.87 0.90 -5.09
CA GLY A 26 1.97 1.95 -4.09
C GLY A 26 3.34 2.61 -4.07
N ALA A 27 4.33 1.93 -4.64
CA ALA A 27 5.70 2.44 -4.66
C ALA A 27 5.88 3.55 -5.70
N ARG A 28 7.03 4.21 -5.65
CA ARG A 28 7.44 5.11 -6.73
C ARG A 28 8.40 4.38 -7.64
N VAL A 29 8.29 4.60 -8.95
CA VAL A 29 9.29 4.03 -9.81
C VAL A 29 9.68 5.06 -10.88
N THR A 30 10.98 5.12 -11.21
CA THR A 30 11.46 6.10 -12.18
C THR A 30 12.25 5.37 -13.25
N LEU A 31 11.78 5.46 -14.50
CA LEU A 31 12.47 4.82 -15.62
C LEU A 31 13.35 5.86 -16.30
N PRO A 32 14.67 5.64 -16.29
CA PRO A 32 15.65 6.63 -16.74
C PRO A 32 15.68 6.77 -18.26
N CYS A 33 15.78 8.01 -18.72
CA CYS A 33 16.10 8.31 -20.12
C CYS A 33 16.80 9.65 -20.18
N ARG A 34 17.99 9.67 -20.79
CA ARG A 34 18.72 10.94 -20.90
C ARG A 34 19.37 11.02 -22.24
N VAL A 35 19.25 12.20 -22.86
CA VAL A 35 19.70 12.39 -24.23
C VAL A 35 20.85 13.38 -24.36
N ILE A 36 21.85 13.01 -25.16
CA ILE A 36 22.96 13.90 -25.51
C ILE A 36 22.65 14.59 -26.83
N ASN A 37 22.87 15.90 -26.88
CA ASN A 37 22.61 16.69 -28.10
C ASN A 37 21.20 16.52 -28.62
N LYS A 38 20.23 16.57 -27.71
CA LYS A 38 18.82 16.40 -28.07
C LYS A 38 18.39 17.42 -29.10
N GLN A 39 17.76 16.94 -30.16
CA GLN A 39 17.36 17.81 -31.27
C GLN A 39 15.88 17.70 -31.59
N GLY A 40 15.33 16.50 -31.46
CA GLY A 40 13.92 16.30 -31.75
C GLY A 40 13.08 16.34 -30.47
N THR A 41 11.83 15.89 -30.56
CA THR A 41 10.93 15.86 -29.40
C THR A 41 10.96 14.51 -28.71
N LEU A 42 11.05 14.50 -27.39
CA LEU A 42 11.11 13.24 -26.66
C LEU A 42 9.72 12.81 -26.18
N GLN A 43 9.48 11.50 -26.20
CA GLN A 43 8.22 10.95 -25.73
C GLN A 43 8.42 9.53 -25.26
N TRP A 44 7.72 9.15 -24.20
CA TRP A 44 7.67 7.76 -23.81
C TRP A 44 6.48 7.05 -24.44
N THR A 45 6.65 5.80 -24.83
CA THR A 45 5.49 4.96 -25.10
C THR A 45 5.33 3.90 -24.00
N LYS A 46 4.08 3.49 -23.78
CA LYS A 46 3.70 2.44 -22.83
C LYS A 46 2.87 1.42 -23.59
N ASP A 47 3.38 0.20 -23.79
CA ASP A 47 2.78 -0.78 -24.70
C ASP A 47 2.46 -0.14 -26.06
N ASP A 48 3.40 0.67 -26.55
CA ASP A 48 3.32 1.33 -27.85
C ASP A 48 2.25 2.43 -27.91
N PHE A 49 1.80 2.90 -26.75
CA PHE A 49 0.89 4.06 -26.66
C PHE A 49 1.69 5.29 -26.26
N GLY A 50 1.67 6.35 -27.07
CA GLY A 50 2.47 7.53 -26.76
C GLY A 50 1.89 8.28 -25.57
N LEU A 51 2.70 8.53 -24.55
CA LEU A 51 2.20 9.15 -23.31
C LEU A 51 2.04 10.67 -23.39
N GLY A 52 2.66 11.27 -24.40
CA GLY A 52 2.57 12.71 -24.58
C GLY A 52 3.93 13.38 -24.54
N THR A 53 4.02 14.62 -25.00
CA THR A 53 5.32 15.25 -25.17
C THR A 53 5.61 16.44 -24.23
N SER A 54 4.71 16.73 -23.28
CA SER A 54 5.01 17.73 -22.25
C SER A 54 5.29 17.02 -20.91
N ARG A 55 6.16 17.61 -20.09
CA ARG A 55 6.64 16.92 -18.90
C ARG A 55 5.53 16.52 -17.92
N ASP A 56 4.43 17.26 -17.88
CA ASP A 56 3.40 16.94 -16.89
C ASP A 56 2.54 15.73 -17.32
N LEU A 57 2.61 15.39 -18.61
CA LEU A 57 1.87 14.22 -19.14
C LEU A 57 0.40 14.22 -18.71
N SER A 58 -0.31 15.28 -19.07
CA SER A 58 -1.74 15.37 -18.81
C SER A 58 -2.46 14.21 -19.47
N GLY A 59 -3.46 13.68 -18.79
CA GLY A 59 -4.11 12.48 -19.27
C GLY A 59 -3.63 11.28 -18.46
N PHE A 60 -2.44 11.41 -17.87
CA PHE A 60 -1.88 10.35 -17.03
C PHE A 60 -1.52 10.94 -15.68
N GLU A 61 -2.45 10.82 -14.74
CA GLU A 61 -2.38 11.57 -13.49
C GLU A 61 -1.25 11.14 -12.57
N ARG A 62 -0.71 9.94 -12.76
CA ARG A 62 0.35 9.41 -11.89
C ARG A 62 1.71 9.40 -12.59
N TYR A 63 1.77 9.93 -13.81
CA TYR A 63 3.02 9.94 -14.61
C TYR A 63 3.49 11.36 -14.86
N ALA A 64 4.80 11.55 -14.93
CA ALA A 64 5.40 12.80 -15.35
C ALA A 64 6.82 12.51 -15.80
N MET A 65 7.37 13.38 -16.64
CA MET A 65 8.77 13.31 -17.02
C MET A 65 9.57 14.28 -16.16
N VAL A 66 10.44 13.74 -15.34
CA VAL A 66 11.22 14.55 -14.41
C VAL A 66 12.67 14.65 -14.89
N GLY A 67 13.44 15.54 -14.28
CA GLY A 67 14.80 15.80 -14.71
C GLY A 67 14.93 17.18 -15.30
N SER A 68 16.15 17.62 -15.57
CA SER A 68 16.30 18.96 -16.13
C SER A 68 16.49 18.95 -17.65
N ASP A 69 15.97 19.99 -18.32
CA ASP A 69 16.16 20.12 -19.76
C ASP A 69 17.64 20.27 -20.10
N GLU A 70 18.38 20.97 -19.25
CA GLU A 70 19.81 21.20 -19.48
C GLU A 70 20.60 19.89 -19.56
N GLU A 71 20.25 18.93 -18.71
CA GLU A 71 20.89 17.62 -18.71
C GLU A 71 20.33 16.63 -19.75
N GLY A 72 19.25 17.00 -20.43
CA GLY A 72 18.63 16.11 -21.40
C GLY A 72 17.87 14.96 -20.75
N ASP A 73 17.50 15.19 -19.48
CA ASP A 73 16.92 14.14 -18.64
C ASP A 73 15.40 14.23 -18.66
N TYR A 74 14.77 13.17 -19.18
CA TYR A 74 13.31 13.07 -19.26
C TYR A 74 12.87 11.72 -18.71
N SER A 75 13.20 11.45 -17.46
CA SER A 75 12.91 10.15 -16.85
C SER A 75 11.43 10.06 -16.52
N LEU A 76 10.86 8.90 -16.76
CA LEU A 76 9.42 8.70 -16.55
C LEU A 76 9.15 8.32 -15.10
N ASP A 77 8.50 9.22 -14.39
CA ASP A 77 8.30 9.08 -12.94
C ASP A 77 6.88 8.59 -12.71
N ILE A 78 6.73 7.48 -11.99
CA ILE A 78 5.40 6.91 -11.73
C ILE A 78 5.17 6.78 -10.25
N TYR A 79 4.14 7.44 -9.73
CA TYR A 79 3.78 7.32 -8.32
C TYR A 79 2.34 7.73 -8.09
N PRO A 80 1.57 6.92 -7.35
CA PRO A 80 1.89 5.58 -6.86
C PRO A 80 1.78 4.54 -7.99
N VAL A 81 2.66 3.53 -7.96
CA VAL A 81 2.55 2.42 -8.90
C VAL A 81 1.23 1.65 -8.74
N MET A 82 0.59 1.34 -9.87
CA MET A 82 -0.61 0.51 -9.88
C MET A 82 -0.47 -0.64 -10.86
N LEU A 83 -1.32 -1.65 -10.72
CA LEU A 83 -1.24 -2.86 -11.54
C LEU A 83 -1.26 -2.50 -13.05
N ASP A 84 -1.98 -1.43 -13.37
CA ASP A 84 -2.15 -0.95 -14.76
C ASP A 84 -0.82 -0.48 -15.38
N ASP A 85 0.20 -0.31 -14.56
CA ASP A 85 1.49 0.17 -15.02
C ASP A 85 2.37 -0.97 -15.52
N ASP A 86 1.95 -2.20 -15.29
CA ASP A 86 2.71 -3.36 -15.74
C ASP A 86 2.65 -3.43 -17.28
N ALA A 87 3.77 -3.11 -17.92
CA ALA A 87 3.78 -2.87 -19.36
C ALA A 87 5.20 -2.70 -19.85
N ARG A 88 5.32 -2.53 -21.15
CA ARG A 88 6.60 -2.31 -21.82
C ARG A 88 6.76 -0.83 -22.17
N TYR A 89 7.88 -0.23 -21.76
CA TYR A 89 8.10 1.20 -21.98
C TYR A 89 9.27 1.45 -22.93
N GLN A 90 9.19 2.56 -23.68
CA GLN A 90 10.29 2.94 -24.55
C GLN A 90 10.42 4.45 -24.57
N CYS A 91 11.65 4.92 -24.53
CA CYS A 91 11.98 6.33 -24.71
C CYS A 91 12.30 6.64 -26.18
N GLN A 92 11.62 7.63 -26.76
CA GLN A 92 11.75 7.96 -28.19
C GLN A 92 12.06 9.43 -28.38
N VAL A 93 12.86 9.74 -29.39
CA VAL A 93 13.06 11.12 -29.78
C VAL A 93 12.87 11.26 -31.27
N SER A 94 12.01 12.19 -31.68
CA SER A 94 11.65 12.40 -33.09
C SER A 94 12.85 12.99 -33.86
N PRO A 95 12.79 12.98 -35.20
CA PRO A 95 13.92 13.56 -35.96
C PRO A 95 14.13 15.03 -35.63
N GLY A 96 15.37 15.50 -35.77
CA GLY A 96 15.69 16.89 -35.53
C GLY A 96 15.33 17.76 -36.72
N PRO A 97 15.33 19.08 -36.53
CA PRO A 97 15.03 20.09 -37.55
C PRO A 97 15.92 20.01 -38.79
N GLU A 98 17.12 19.42 -38.66
CA GLU A 98 18.00 19.28 -39.81
C GLU A 98 18.14 17.82 -40.27
N GLY A 99 17.15 17.00 -39.92
CA GLY A 99 17.16 15.62 -40.33
C GLY A 99 17.99 14.67 -39.47
N GLN A 100 18.49 15.14 -38.33
CA GLN A 100 19.14 14.22 -37.41
C GLN A 100 18.15 13.11 -37.09
N PRO A 101 18.60 11.85 -37.19
CA PRO A 101 17.70 10.68 -37.12
C PRO A 101 16.99 10.52 -35.79
N ALA A 102 15.75 10.05 -35.86
CA ALA A 102 15.00 9.64 -34.69
C ALA A 102 15.76 8.53 -33.97
N ILE A 103 15.61 8.46 -32.66
CA ILE A 103 16.23 7.40 -31.86
C ILE A 103 15.20 6.74 -30.95
N ARG A 104 15.36 5.44 -30.73
CA ARG A 104 14.45 4.66 -29.87
C ARG A 104 15.29 3.86 -28.88
N SER A 105 14.92 3.93 -27.61
CA SER A 105 15.72 3.29 -26.58
C SER A 105 15.41 1.80 -26.54
N THR A 106 16.18 1.08 -25.73
CA THR A 106 15.82 -0.26 -25.33
C THR A 106 14.42 -0.24 -24.74
N PHE A 107 13.65 -1.29 -25.00
CA PHE A 107 12.38 -1.48 -24.31
C PHE A 107 12.66 -1.85 -22.86
N ALA A 108 11.86 -1.31 -21.95
CA ALA A 108 11.98 -1.63 -20.52
C ALA A 108 10.66 -2.17 -20.00
N GLY A 109 10.66 -3.39 -19.49
CA GLY A 109 9.47 -3.96 -18.89
C GLY A 109 9.37 -3.58 -17.43
N LEU A 110 8.22 -3.04 -17.04
CA LEU A 110 7.94 -2.81 -15.62
C LEU A 110 7.04 -3.91 -15.10
N THR A 111 7.55 -4.72 -14.18
CA THR A 111 6.77 -5.78 -13.56
C THR A 111 6.21 -5.26 -12.26
N VAL A 112 4.89 -5.25 -12.13
CA VAL A 112 4.26 -4.76 -10.93
C VAL A 112 3.84 -5.90 -10.00
N LEU A 113 4.30 -5.87 -8.75
CA LEU A 113 3.94 -6.92 -7.79
C LEU A 113 2.75 -6.48 -6.93
N VAL A 114 1.88 -7.43 -6.61
CA VAL A 114 0.66 -7.15 -5.85
C VAL A 114 0.61 -8.09 -4.65
N PRO A 115 0.59 -7.52 -3.43
CA PRO A 115 0.49 -8.39 -2.26
C PRO A 115 -0.88 -9.04 -2.21
N PRO A 116 -0.97 -10.31 -1.80
CA PRO A 116 -2.27 -10.98 -1.77
C PRO A 116 -3.12 -10.55 -0.57
N GLU A 117 -4.39 -10.93 -0.58
CA GLU A 117 -5.24 -10.72 0.59
C GLU A 117 -4.73 -11.62 1.71
N ALA A 118 -5.22 -11.38 2.93
CA ALA A 118 -4.87 -12.23 4.06
C ALA A 118 -5.25 -13.67 3.76
N PRO A 119 -4.35 -14.61 4.12
CA PRO A 119 -4.66 -16.03 3.91
C PRO A 119 -5.81 -16.44 4.79
N LYS A 120 -6.65 -17.33 4.30
CA LYS A 120 -7.80 -17.78 5.07
C LYS A 120 -7.98 -19.27 4.89
N ILE A 121 -8.40 -19.94 5.94
CA ILE A 121 -8.70 -21.36 5.87
C ILE A 121 -10.20 -21.54 5.70
N THR A 122 -10.58 -22.22 4.62
CA THR A 122 -11.97 -22.32 4.20
C THR A 122 -12.86 -22.94 5.27
N GLN A 123 -12.30 -23.87 6.04
CA GLN A 123 -13.06 -24.59 7.05
C GLN A 123 -13.30 -23.74 8.30
N GLY A 124 -12.72 -22.55 8.34
CA GLY A 124 -12.96 -21.64 9.44
C GLY A 124 -12.00 -21.79 10.62
N ASP A 125 -12.51 -21.57 11.83
CA ASP A 125 -11.66 -21.54 13.01
C ASP A 125 -11.49 -22.90 13.65
N VAL A 126 -12.51 -23.75 13.50
CA VAL A 126 -12.51 -25.08 14.11
C VAL A 126 -13.05 -26.11 13.15
N ILE A 127 -12.44 -27.28 13.12
CA ILE A 127 -13.01 -28.39 12.37
C ILE A 127 -13.30 -29.55 13.33
N TYR A 128 -14.51 -30.08 13.26
CA TYR A 128 -14.89 -31.17 14.14
C TYR A 128 -14.77 -32.50 13.41
N ALA A 129 -13.63 -33.15 13.59
CA ALA A 129 -13.32 -34.37 12.84
C ALA A 129 -13.64 -35.63 13.62
N THR A 130 -13.53 -36.76 12.93
CA THR A 130 -13.68 -38.08 13.53
C THR A 130 -12.44 -38.90 13.22
N GLU A 131 -11.99 -39.69 14.20
CA GLU A 131 -10.79 -40.50 14.05
C GLU A 131 -10.85 -41.36 12.79
N ASP A 132 -9.79 -41.28 11.99
CA ASP A 132 -9.64 -42.04 10.74
C ASP A 132 -10.61 -41.61 9.63
N ARG A 133 -11.50 -40.66 9.92
CA ARG A 133 -12.36 -40.12 8.88
C ARG A 133 -11.65 -38.95 8.21
N LYS A 134 -11.01 -39.22 7.08
CA LYS A 134 -10.18 -38.24 6.39
C LYS A 134 -10.93 -36.94 6.15
N VAL A 135 -10.21 -35.84 6.27
CA VAL A 135 -10.81 -34.52 6.17
C VAL A 135 -9.84 -33.56 5.48
N GLU A 136 -10.38 -32.56 4.79
CA GLU A 136 -9.56 -31.59 4.06
C GLU A 136 -9.50 -30.24 4.74
N ILE A 137 -8.30 -29.68 4.82
CA ILE A 137 -8.09 -28.34 5.34
C ILE A 137 -7.43 -27.48 4.26
N GLU A 138 -8.15 -26.46 3.79
CA GLU A 138 -7.73 -25.68 2.63
C GLU A 138 -7.30 -24.27 3.01
N CYS A 139 -6.06 -23.91 2.69
CA CYS A 139 -5.59 -22.54 2.88
C CYS A 139 -5.63 -21.80 1.55
N VAL A 140 -6.17 -20.59 1.55
CA VAL A 140 -6.36 -19.84 0.31
C VAL A 140 -5.72 -18.46 0.43
N SER A 141 -4.96 -18.06 -0.59
CA SER A 141 -4.34 -16.75 -0.63
C SER A 141 -4.76 -16.03 -1.91
N VAL A 142 -5.72 -15.12 -1.79
CA VAL A 142 -6.39 -14.54 -2.95
C VAL A 142 -5.65 -13.34 -3.55
N GLY A 143 -5.50 -13.37 -4.88
CA GLY A 143 -5.17 -12.18 -5.65
C GLY A 143 -3.75 -11.65 -5.57
N GLY A 144 -2.78 -12.54 -5.41
CA GLY A 144 -1.39 -12.09 -5.39
C GLY A 144 -0.82 -12.01 -6.79
N LYS A 145 0.17 -11.15 -6.98
CA LYS A 145 0.96 -11.16 -8.21
C LYS A 145 2.41 -11.01 -7.77
N PRO A 146 3.19 -12.09 -7.89
CA PRO A 146 2.78 -13.41 -8.38
C PRO A 146 2.02 -14.20 -7.32
N ALA A 147 1.68 -15.46 -7.62
CA ALA A 147 0.96 -16.28 -6.64
C ALA A 147 1.79 -16.46 -5.37
N ALA A 148 1.12 -16.44 -4.22
CA ALA A 148 1.79 -16.64 -2.96
C ALA A 148 2.22 -18.09 -2.83
N GLU A 149 3.38 -18.29 -2.20
CA GLU A 149 3.78 -19.61 -1.76
C GLU A 149 3.05 -19.88 -0.46
N ILE A 150 2.73 -21.14 -0.22
CA ILE A 150 2.05 -21.52 1.02
C ILE A 150 2.79 -22.66 1.70
N THR A 151 3.10 -22.46 2.98
CA THR A 151 3.72 -23.49 3.81
C THR A 151 2.78 -23.86 4.95
N TRP A 152 2.65 -25.16 5.24
CA TRP A 152 1.89 -25.63 6.40
C TRP A 152 2.79 -25.98 7.57
N ILE A 153 2.34 -25.67 8.77
CA ILE A 153 3.04 -26.09 9.98
C ILE A 153 2.05 -26.73 10.96
N ASP A 154 2.55 -27.63 11.80
CA ASP A 154 1.70 -28.27 12.80
C ASP A 154 1.66 -27.43 14.08
N GLY A 155 1.22 -28.06 15.16
CA GLY A 155 1.10 -27.39 16.45
C GLY A 155 2.37 -26.82 17.03
N LEU A 156 3.53 -27.30 16.58
CA LEU A 156 4.81 -26.87 17.15
C LEU A 156 5.76 -26.20 16.16
N GLY A 157 5.24 -25.78 15.01
CA GLY A 157 6.06 -25.07 14.05
C GLY A 157 6.93 -25.97 13.20
N ASN A 158 6.51 -27.22 13.05
CA ASN A 158 7.17 -28.16 12.15
C ASN A 158 6.55 -28.10 10.76
N VAL A 159 7.37 -27.77 9.76
CA VAL A 159 6.90 -27.69 8.38
C VAL A 159 6.50 -29.07 7.86
N LEU A 160 5.29 -29.15 7.28
CA LEU A 160 4.82 -30.36 6.65
C LEU A 160 4.99 -30.27 5.14
N THR A 161 5.29 -31.39 4.49
CA THR A 161 5.38 -31.44 3.03
C THR A 161 4.63 -32.66 2.49
N ASP A 162 4.09 -33.45 3.42
CA ASP A 162 3.37 -34.67 3.06
C ASP A 162 1.87 -34.42 3.05
N ASN A 163 1.18 -35.07 2.13
CA ASN A 163 -0.28 -34.95 2.01
C ASN A 163 -0.76 -33.52 1.75
N ILE A 164 0.07 -32.74 1.06
CA ILE A 164 -0.24 -31.36 0.74
C ILE A 164 -0.30 -31.16 -0.77
N GLU A 165 -1.43 -30.64 -1.26
CA GLU A 165 -1.56 -30.37 -2.68
C GLU A 165 -1.75 -28.89 -2.94
N TYR A 166 -0.77 -28.30 -3.60
CA TYR A 166 -0.74 -26.86 -3.87
C TYR A 166 -1.15 -26.58 -5.31
N THR A 167 -2.10 -25.66 -5.48
CA THR A 167 -2.56 -25.29 -6.81
C THR A 167 -2.71 -23.78 -6.94
N VAL A 168 -2.75 -23.30 -8.19
CA VAL A 168 -2.86 -21.89 -8.47
C VAL A 168 -4.02 -21.63 -9.45
N ILE A 169 -4.81 -20.60 -9.18
CA ILE A 169 -5.91 -20.24 -10.07
C ILE A 169 -5.79 -18.79 -10.51
N PRO A 170 -5.58 -18.57 -11.82
CA PRO A 170 -5.47 -17.19 -12.34
C PRO A 170 -6.77 -16.43 -12.10
N LEU A 171 -6.68 -15.15 -11.78
CA LEU A 171 -7.86 -14.30 -11.72
C LEU A 171 -8.27 -13.89 -13.14
N PRO A 172 -9.50 -13.37 -13.30
CA PRO A 172 -9.92 -13.00 -14.66
C PRO A 172 -9.03 -11.96 -15.34
N ASP A 173 -8.30 -11.13 -14.60
CA ASP A 173 -7.46 -10.14 -15.27
C ASP A 173 -6.23 -10.79 -15.89
N GLN A 174 -6.03 -12.07 -15.62
CA GLN A 174 -4.88 -12.82 -16.12
C GLN A 174 -3.54 -12.27 -15.64
N ARG A 175 -3.55 -11.49 -14.56
CA ARG A 175 -2.29 -11.00 -13.98
C ARG A 175 -2.15 -11.47 -12.53
N ARG A 176 -3.24 -11.45 -11.80
CA ARG A 176 -3.20 -11.92 -10.41
C ARG A 176 -3.65 -13.38 -10.28
N PHE A 177 -3.23 -14.00 -9.18
CA PHE A 177 -3.42 -15.42 -8.95
C PHE A 177 -3.88 -15.68 -7.52
N THR A 178 -4.81 -16.62 -7.39
CA THR A 178 -5.17 -17.14 -6.08
C THR A 178 -4.47 -18.47 -5.88
N ALA A 179 -3.75 -18.60 -4.77
CA ALA A 179 -3.02 -19.81 -4.42
C ALA A 179 -3.81 -20.60 -3.39
N LYS A 180 -3.88 -21.93 -3.56
CA LYS A 180 -4.58 -22.78 -2.63
C LYS A 180 -3.71 -23.97 -2.25
N SER A 181 -3.71 -24.32 -0.97
CA SER A 181 -2.96 -25.47 -0.50
C SER A 181 -3.87 -26.32 0.34
N VAL A 182 -4.06 -27.58 -0.08
CA VAL A 182 -4.94 -28.49 0.63
C VAL A 182 -4.14 -29.50 1.44
N LEU A 183 -4.40 -29.53 2.74
CA LEU A 183 -3.79 -30.51 3.62
C LEU A 183 -4.81 -31.61 3.87
N ARG A 184 -4.51 -32.82 3.41
CA ARG A 184 -5.39 -33.95 3.66
C ARG A 184 -4.97 -34.65 4.94
N LEU A 185 -5.86 -34.62 5.92
CA LEU A 185 -5.54 -35.08 7.26
C LEU A 185 -6.34 -36.31 7.67
N THR A 186 -5.63 -37.35 8.07
CA THR A 186 -6.26 -38.49 8.71
C THR A 186 -6.22 -38.28 10.22
N PRO A 187 -7.36 -37.86 10.80
CA PRO A 187 -7.40 -37.45 12.21
C PRO A 187 -7.05 -38.58 13.16
N LYS A 188 -5.87 -38.50 13.75
CA LYS A 188 -5.45 -39.41 14.80
C LYS A 188 -6.18 -39.01 16.09
N LYS A 189 -6.25 -39.91 17.06
CA LYS A 189 -6.91 -39.59 18.32
C LYS A 189 -6.15 -38.51 19.09
N GLU A 190 -4.83 -38.46 18.89
CA GLU A 190 -3.98 -37.49 19.58
C GLU A 190 -4.14 -36.08 19.01
N HIS A 191 -4.60 -35.99 17.76
CA HIS A 191 -4.76 -34.70 17.08
C HIS A 191 -5.80 -33.79 17.71
N HIS A 192 -6.51 -34.28 18.72
CA HIS A 192 -7.60 -33.53 19.33
C HIS A 192 -7.13 -32.22 19.97
N ASN A 193 -7.76 -31.13 19.53
CA ASN A 193 -7.45 -29.78 19.99
C ASN A 193 -6.07 -29.29 19.59
N THR A 194 -5.44 -29.95 18.62
CA THR A 194 -4.19 -29.44 18.09
C THR A 194 -4.50 -28.40 17.02
N ASN A 195 -3.49 -27.63 16.63
CA ASN A 195 -3.69 -26.61 15.62
C ASN A 195 -2.88 -26.90 14.38
N PHE A 196 -3.36 -26.40 13.25
CA PHE A 196 -2.58 -26.36 12.02
C PHE A 196 -2.59 -24.93 11.51
N SER A 197 -1.47 -24.48 10.98
CA SER A 197 -1.36 -23.13 10.46
C SER A 197 -0.80 -23.14 9.05
N CYS A 198 -1.30 -22.24 8.21
CA CYS A 198 -0.66 -22.00 6.93
C CYS A 198 0.02 -20.64 6.93
N GLN A 199 1.15 -20.57 6.22
CA GLN A 199 1.90 -19.33 6.06
C GLN A 199 1.99 -18.99 4.58
N ALA A 200 1.48 -17.83 4.21
CA ALA A 200 1.46 -17.42 2.81
C ALA A 200 2.33 -16.18 2.58
N GLN A 201 3.11 -16.21 1.51
CA GLN A 201 3.95 -15.07 1.19
C GLN A 201 4.24 -15.02 -0.31
N ASN A 202 4.06 -13.87 -0.94
CA ASN A 202 4.60 -13.73 -2.29
C ASN A 202 5.72 -12.70 -2.27
N THR A 203 6.29 -12.42 -3.44
CA THR A 203 7.49 -11.61 -3.51
C THR A 203 7.16 -10.14 -3.21
N ALA A 204 5.87 -9.80 -3.17
CA ALA A 204 5.49 -8.45 -2.79
C ALA A 204 5.37 -8.28 -1.26
N ASP A 205 5.21 -9.39 -0.54
CA ASP A 205 5.04 -9.38 0.91
C ASP A 205 6.35 -9.07 1.63
N ARG A 206 6.30 -8.29 2.71
CA ARG A 206 7.52 -7.98 3.47
C ARG A 206 7.90 -9.16 4.36
N THR A 207 6.89 -9.96 4.70
CA THR A 207 7.08 -11.20 5.43
C THR A 207 5.83 -12.03 5.21
N TYR A 208 5.78 -13.24 5.76
CA TYR A 208 4.61 -14.10 5.56
C TYR A 208 3.44 -13.66 6.44
N ARG A 209 2.25 -14.14 6.06
CA ARG A 209 1.04 -13.93 6.84
C ARG A 209 0.49 -15.31 7.15
N SER A 210 -0.19 -15.46 8.30
CA SER A 210 -0.64 -16.76 8.76
C SER A 210 -2.14 -16.83 9.06
N ALA A 211 -2.68 -18.02 8.93
CA ALA A 211 -4.03 -18.36 9.41
C ALA A 211 -3.93 -19.68 10.16
N LYS A 212 -4.79 -19.87 11.16
CA LYS A 212 -4.74 -21.08 11.98
C LYS A 212 -6.13 -21.69 12.15
N ILE A 213 -6.19 -23.01 12.23
CA ILE A 213 -7.43 -23.71 12.54
C ILE A 213 -7.19 -24.75 13.63
N ARG A 214 -8.16 -24.86 14.55
CA ARG A 214 -8.14 -25.88 15.58
C ARG A 214 -8.88 -27.12 15.10
N VAL A 215 -8.34 -28.29 15.41
CA VAL A 215 -8.96 -29.55 15.01
C VAL A 215 -9.48 -30.30 16.22
N GLU A 216 -10.75 -30.73 16.16
CA GLU A 216 -11.29 -31.63 17.19
C GLU A 216 -11.45 -33.02 16.60
N VAL A 217 -11.26 -34.04 17.43
CA VAL A 217 -11.34 -35.42 16.97
C VAL A 217 -12.14 -36.29 17.94
N LYS A 218 -13.07 -37.09 17.40
CA LYS A 218 -13.89 -37.98 18.20
C LYS A 218 -13.27 -39.38 18.26
N TYR A 219 -13.96 -40.29 18.94
CA TYR A 219 -13.49 -41.66 19.21
C TYR A 219 -12.31 -41.62 20.19
N GLN B 10 19.77 -11.19 39.39
CA GLN B 10 19.01 -12.40 39.69
C GLN B 10 17.66 -12.39 39.02
N ASN B 11 16.84 -11.38 39.34
CA ASN B 11 15.49 -11.30 38.79
C ASN B 11 15.45 -10.89 37.32
N GLN B 12 14.27 -10.99 36.73
CA GLN B 12 14.10 -10.67 35.31
C GLN B 12 14.20 -9.18 35.06
N ARG B 13 14.78 -8.81 33.93
CA ARG B 13 14.84 -7.42 33.50
C ARG B 13 14.91 -7.38 31.97
N PHE B 14 14.80 -6.19 31.40
CA PHE B 14 14.87 -6.05 29.95
C PHE B 14 16.31 -5.92 29.46
N ALA B 15 16.58 -6.52 28.30
CA ALA B 15 17.81 -6.22 27.57
C ALA B 15 17.51 -5.21 26.48
N MET B 16 16.28 -5.23 25.97
CA MET B 16 15.83 -4.26 24.97
C MET B 16 14.39 -3.88 25.25
N GLU B 17 14.08 -2.59 25.19
CA GLU B 17 12.70 -2.15 25.35
C GLU B 17 12.25 -1.47 24.06
N PRO B 18 10.96 -1.57 23.74
CA PRO B 18 10.51 -0.93 22.49
C PRO B 18 10.58 0.61 22.58
N GLN B 19 10.96 1.22 21.48
CA GLN B 19 10.99 2.68 21.34
C GLN B 19 9.94 3.14 20.31
N ASP B 20 9.60 4.43 20.34
CA ASP B 20 8.64 5.00 19.39
C ASP B 20 9.12 4.68 17.98
N GLN B 21 8.19 4.26 17.11
CA GLN B 21 8.50 4.07 15.70
C GLN B 21 7.41 4.71 14.86
N THR B 22 7.75 5.02 13.61
CA THR B 22 6.79 5.52 12.65
C THR B 22 6.76 4.57 11.45
N ALA B 23 5.58 4.28 10.93
CA ALA B 23 5.46 3.34 9.81
C ALA B 23 4.32 3.72 8.87
N VAL B 24 4.49 3.43 7.59
CA VAL B 24 3.45 3.68 6.60
C VAL B 24 2.51 2.47 6.50
N VAL B 25 1.22 2.71 6.24
CA VAL B 25 0.27 1.61 5.97
C VAL B 25 0.83 0.64 4.92
N GLY B 26 0.72 -0.66 5.20
CA GLY B 26 1.22 -1.70 4.29
C GLY B 26 2.63 -2.17 4.61
N ALA B 27 3.33 -1.43 5.46
CA ALA B 27 4.68 -1.77 5.84
C ALA B 27 4.72 -2.89 6.88
N ARG B 28 5.93 -3.39 7.13
CA ARG B 28 6.15 -4.27 8.26
C ARG B 28 6.80 -3.48 9.38
N VAL B 29 6.36 -3.70 10.61
CA VAL B 29 7.04 -3.01 11.69
C VAL B 29 7.30 -4.04 12.80
N THR B 30 8.43 -3.92 13.50
CA THR B 30 8.75 -4.85 14.58
C THR B 30 9.23 -4.09 15.81
N LEU B 31 8.47 -4.20 16.90
CA LEU B 31 8.79 -3.56 18.17
C LEU B 31 9.59 -4.53 19.03
N PRO B 32 10.85 -4.16 19.32
CA PRO B 32 11.77 -5.00 20.11
C PRO B 32 11.32 -5.16 21.54
N CYS B 33 11.42 -6.39 22.04
CA CYS B 33 11.38 -6.62 23.49
C CYS B 33 12.22 -7.86 23.77
N ARG B 34 13.19 -7.72 24.64
CA ARG B 34 14.08 -8.81 24.98
C ARG B 34 14.32 -8.84 26.47
N VAL B 35 14.22 -10.02 27.06
CA VAL B 35 14.25 -10.15 28.52
C VAL B 35 15.44 -10.95 28.95
N ILE B 36 16.10 -10.49 30.00
CA ILE B 36 17.17 -11.23 30.63
C ILE B 36 16.64 -11.96 31.84
N ASN B 37 17.02 -13.22 32.01
CA ASN B 37 16.54 -14.06 33.10
C ASN B 37 15.00 -14.08 33.20
N LYS B 38 14.34 -14.18 32.06
CA LYS B 38 12.88 -14.25 32.03
C LYS B 38 12.34 -15.35 32.94
N GLN B 39 11.40 -15.01 33.81
CA GLN B 39 10.80 -16.00 34.71
C GLN B 39 9.28 -16.08 34.60
N GLY B 40 8.64 -14.94 34.39
CA GLY B 40 7.20 -14.90 34.23
C GLY B 40 6.78 -15.07 32.80
N THR B 41 5.51 -14.77 32.53
CA THR B 41 4.97 -14.87 31.18
C THR B 41 4.96 -13.51 30.51
N LEU B 42 5.43 -13.46 29.26
CA LEU B 42 5.48 -12.19 28.55
C LEU B 42 4.23 -11.90 27.72
N GLN B 43 3.80 -10.65 27.74
CA GLN B 43 2.66 -10.23 26.93
C GLN B 43 2.80 -8.77 26.56
N TRP B 44 2.39 -8.44 25.34
CA TRP B 44 2.24 -7.06 24.92
C TRP B 44 0.83 -6.53 25.19
N THR B 45 0.74 -5.27 25.61
CA THR B 45 -0.53 -4.56 25.53
C THR B 45 -0.48 -3.55 24.40
N LYS B 46 -1.65 -3.30 23.81
CA LYS B 46 -1.84 -2.26 22.82
C LYS B 46 -2.97 -1.36 23.31
N ASP B 47 -2.66 -0.09 23.55
CA ASP B 47 -3.58 0.80 24.28
C ASP B 47 -4.18 0.11 25.50
N ASP B 48 -3.31 -0.56 26.26
CA ASP B 48 -3.70 -1.24 27.51
C ASP B 48 -4.65 -2.43 27.31
N PHE B 49 -4.72 -2.93 26.08
CA PHE B 49 -5.38 -4.20 25.79
C PHE B 49 -4.36 -5.32 25.65
N GLY B 50 -4.52 -6.39 26.43
CA GLY B 50 -3.55 -7.46 26.41
C GLY B 50 -3.71 -8.26 25.13
N LEU B 51 -2.63 -8.37 24.35
CA LEU B 51 -2.69 -9.04 23.05
C LEU B 51 -2.66 -10.55 23.13
N GLY B 52 -2.32 -11.10 24.30
CA GLY B 52 -2.25 -12.55 24.45
C GLY B 52 -0.85 -13.06 24.71
N THR B 53 -0.75 -14.31 25.15
CA THR B 53 0.53 -14.79 25.66
C THR B 53 1.16 -15.93 24.87
N SER B 54 0.55 -16.29 23.73
CA SER B 54 1.20 -17.21 22.80
C SER B 54 1.77 -16.45 21.59
N ARG B 55 2.89 -16.94 21.08
CA ARG B 55 3.61 -16.23 20.01
C ARG B 55 2.78 -15.98 18.76
N ASP B 56 1.79 -16.82 18.48
CA ASP B 56 1.00 -16.63 17.25
C ASP B 56 -0.06 -15.55 17.45
N LEU B 57 -0.24 -15.14 18.69
CA LEU B 57 -1.25 -14.14 19.06
C LEU B 57 -2.57 -14.34 18.27
N SER B 58 -3.24 -15.46 18.49
CA SER B 58 -4.54 -15.68 17.85
C SER B 58 -5.51 -14.58 18.25
N GLY B 59 -6.33 -14.16 17.30
CA GLY B 59 -7.26 -13.06 17.57
C GLY B 59 -6.77 -11.77 16.95
N PHE B 60 -5.45 -11.68 16.74
CA PHE B 60 -4.87 -10.53 16.03
C PHE B 60 -4.11 -11.06 14.81
N GLU B 61 -4.81 -11.18 13.68
CA GLU B 61 -4.28 -11.97 12.57
C GLU B 61 -3.02 -11.35 11.92
N ARG B 62 -2.76 -10.07 12.19
CA ARG B 62 -1.58 -9.41 11.60
C ARG B 62 -0.43 -9.25 12.60
N TYR B 63 -0.62 -9.76 13.81
CA TYR B 63 0.41 -9.67 14.86
C TYR B 63 1.00 -11.04 15.25
N ALA B 64 2.26 -11.03 15.66
CA ALA B 64 2.89 -12.23 16.21
C ALA B 64 4.10 -11.79 17.01
N MET B 65 4.52 -12.59 17.99
CA MET B 65 5.74 -12.32 18.72
C MET B 65 6.86 -13.16 18.12
N VAL B 66 7.87 -12.48 17.57
CA VAL B 66 8.95 -13.19 16.91
C VAL B 66 10.21 -13.15 17.77
N GLY B 67 11.25 -13.86 17.32
CA GLY B 67 12.49 -14.01 18.09
C GLY B 67 12.57 -15.39 18.72
N SER B 68 13.72 -15.75 19.28
CA SER B 68 13.86 -17.07 19.90
C SER B 68 13.68 -17.03 21.41
N ASP B 69 13.12 -18.11 21.98
CA ASP B 69 12.96 -18.22 23.42
C ASP B 69 14.32 -18.18 24.11
N GLU B 70 15.30 -18.82 23.48
CA GLU B 70 16.65 -18.90 24.03
C GLU B 70 17.27 -17.52 24.23
N GLU B 71 16.92 -16.57 23.36
CA GLU B 71 17.46 -15.23 23.46
C GLU B 71 16.55 -14.29 24.27
N GLY B 72 15.45 -14.83 24.78
CA GLY B 72 14.48 -14.05 25.52
C GLY B 72 13.81 -13.00 24.64
N ASP B 73 13.73 -13.29 23.35
CA ASP B 73 13.27 -12.33 22.35
C ASP B 73 11.80 -12.55 22.02
N TYR B 74 10.97 -11.55 22.31
CA TYR B 74 9.53 -11.62 22.06
C TYR B 74 9.05 -10.35 21.37
N SER B 75 9.75 -9.97 20.30
CA SER B 75 9.44 -8.73 19.58
C SER B 75 8.08 -8.80 18.88
N LEU B 76 7.32 -7.71 18.97
CA LEU B 76 6.00 -7.67 18.36
C LEU B 76 6.11 -7.34 16.87
N ASP B 77 5.74 -8.31 16.03
CA ASP B 77 5.88 -8.19 14.58
C ASP B 77 4.51 -7.89 13.98
N ILE B 78 4.42 -6.79 13.24
CA ILE B 78 3.14 -6.37 12.65
C ILE B 78 3.25 -6.28 11.13
N TYR B 79 2.43 -7.05 10.43
CA TYR B 79 2.41 -6.96 8.97
C TYR B 79 1.10 -7.49 8.39
N PRO B 80 0.45 -6.71 7.50
CA PRO B 80 0.80 -5.35 7.11
C PRO B 80 0.26 -4.34 8.09
N VAL B 81 1.01 -3.26 8.29
CA VAL B 81 0.60 -2.19 9.17
C VAL B 81 -0.70 -1.55 8.66
N MET B 82 -1.65 -1.38 9.58
CA MET B 82 -2.90 -0.66 9.27
C MET B 82 -3.05 0.53 10.19
N LEU B 83 -3.95 1.44 9.82
CA LEU B 83 -4.17 2.65 10.59
C LEU B 83 -4.56 2.30 12.02
N ASP B 84 -5.31 1.21 12.18
CA ASP B 84 -5.75 0.74 13.50
C ASP B 84 -4.57 0.39 14.43
N ASP B 85 -3.37 0.23 13.86
CA ASP B 85 -2.20 -0.08 14.69
C ASP B 85 -1.62 1.14 15.37
N ASP B 86 -2.12 2.33 15.03
CA ASP B 86 -1.62 3.56 15.63
C ASP B 86 -2.05 3.58 17.10
N ALA B 87 -1.09 3.39 18.00
CA ALA B 87 -1.41 3.11 19.41
C ALA B 87 -0.18 3.11 20.26
N ARG B 88 -0.41 2.92 21.56
CA ARG B 88 0.70 2.82 22.51
CA ARG B 88 0.63 2.83 22.59
C ARG B 88 0.89 1.38 22.94
N TYR B 89 2.14 0.92 22.84
CA TYR B 89 2.49 -0.46 23.14
C TYR B 89 3.41 -0.59 24.36
N GLN B 90 3.20 -1.65 25.14
CA GLN B 90 4.07 -1.96 26.26
C GLN B 90 4.34 -3.46 26.31
N CYS B 91 5.58 -3.83 26.59
CA CYS B 91 5.98 -5.21 26.83
C CYS B 91 5.96 -5.51 28.33
N GLN B 92 5.21 -6.53 28.74
CA GLN B 92 5.01 -6.87 30.15
C GLN B 92 5.48 -8.27 30.47
N VAL B 93 6.04 -8.49 31.66
CA VAL B 93 6.32 -9.87 32.07
C VAL B 93 5.78 -10.08 33.48
N SER B 94 5.00 -11.14 33.66
CA SER B 94 4.35 -11.42 34.95
C SER B 94 5.35 -11.86 36.02
N PRO B 95 4.93 -11.88 37.30
CA PRO B 95 5.85 -12.38 38.33
C PRO B 95 6.30 -13.80 38.02
N GLY B 96 7.48 -14.17 38.48
CA GLY B 96 7.98 -15.52 38.27
C GLY B 96 7.52 -16.48 39.34
N PRO B 97 7.83 -17.78 39.16
CA PRO B 97 7.41 -18.87 40.03
C PRO B 97 7.86 -18.68 41.49
N GLU B 98 9.09 -18.20 41.67
CA GLU B 98 9.67 -18.02 42.99
C GLU B 98 9.36 -16.63 43.53
N GLY B 99 8.46 -15.91 42.86
CA GLY B 99 8.03 -14.61 43.31
C GLY B 99 8.79 -13.41 42.75
N GLN B 100 9.66 -13.64 41.75
CA GLN B 100 10.36 -12.54 41.10
C GLN B 100 9.35 -11.51 40.59
N PRO B 101 9.59 -10.23 40.87
CA PRO B 101 8.61 -9.17 40.55
C PRO B 101 8.38 -8.98 39.05
N ALA B 102 7.15 -8.60 38.71
CA ALA B 102 6.80 -8.26 37.33
C ALA B 102 7.62 -7.08 36.82
N ILE B 103 7.71 -6.96 35.49
CA ILE B 103 8.35 -5.81 34.88
C ILE B 103 7.49 -5.29 33.74
N ARG B 104 7.54 -3.98 33.54
CA ARG B 104 6.79 -3.35 32.49
C ARG B 104 7.74 -2.44 31.76
N SER B 105 7.76 -2.56 30.43
CA SER B 105 8.70 -1.76 29.66
C SER B 105 8.18 -0.34 29.61
N THR B 106 9.01 0.57 29.10
CA THR B 106 8.53 1.90 28.77
C THR B 106 7.51 1.75 27.64
N PHE B 107 6.60 2.71 27.49
CA PHE B 107 5.59 2.65 26.42
C PHE B 107 6.22 3.06 25.10
N ALA B 108 5.86 2.39 24.01
CA ALA B 108 6.31 2.80 22.69
C ALA B 108 5.11 3.18 21.84
N GLY B 109 5.12 4.40 21.32
CA GLY B 109 4.04 4.85 20.47
C GLY B 109 4.33 4.50 19.04
N LEU B 110 3.40 3.82 18.37
CA LEU B 110 3.55 3.56 16.95
C LEU B 110 2.71 4.58 16.18
N THR B 111 3.38 5.42 15.40
CA THR B 111 2.72 6.38 14.54
C THR B 111 2.56 5.82 13.14
N VAL B 112 1.32 5.67 12.70
CA VAL B 112 1.04 5.13 11.37
C VAL B 112 0.75 6.25 10.38
N LEU B 113 1.46 6.24 9.25
CA LEU B 113 1.28 7.27 8.23
C LEU B 113 0.41 6.75 7.09
N VAL B 114 -0.48 7.60 6.60
CA VAL B 114 -1.41 7.22 5.55
C VAL B 114 -1.23 8.17 4.37
N PRO B 115 -0.90 7.63 3.20
CA PRO B 115 -0.84 8.44 1.98
C PRO B 115 -2.22 8.98 1.60
N PRO B 116 -2.29 10.25 1.19
CA PRO B 116 -3.61 10.79 0.84
C PRO B 116 -4.10 10.25 -0.51
N GLU B 117 -5.36 10.55 -0.84
CA GLU B 117 -5.88 10.29 -2.18
C GLU B 117 -5.24 11.23 -3.16
N ALA B 118 -5.36 10.95 -4.46
CA ALA B 118 -4.85 11.85 -5.49
C ALA B 118 -5.43 13.25 -5.27
N PRO B 119 -4.58 14.27 -5.36
CA PRO B 119 -5.05 15.65 -5.24
C PRO B 119 -5.94 16.03 -6.41
N LYS B 120 -6.93 16.88 -6.18
CA LYS B 120 -7.90 17.23 -7.21
C LYS B 120 -8.26 18.71 -7.11
N ILE B 121 -8.38 19.37 -8.26
CA ILE B 121 -8.82 20.75 -8.26
C ILE B 121 -10.33 20.81 -8.43
N THR B 122 -10.99 21.38 -7.43
CA THR B 122 -12.45 21.42 -7.36
C THR B 122 -13.08 21.97 -8.63
N GLN B 123 -12.41 22.92 -9.27
CA GLN B 123 -12.95 23.60 -10.43
C GLN B 123 -12.77 22.82 -11.74
N GLY B 124 -12.10 21.67 -11.67
CA GLY B 124 -11.95 20.81 -12.84
C GLY B 124 -10.71 21.08 -13.68
N ASP B 125 -10.81 20.80 -14.98
CA ASP B 125 -9.66 20.97 -15.88
C ASP B 125 -9.60 22.38 -16.45
N VAL B 126 -10.74 23.07 -16.49
CA VAL B 126 -10.80 24.42 -17.04
C VAL B 126 -11.61 25.38 -16.17
N ILE B 127 -11.10 26.59 -15.98
CA ILE B 127 -11.89 27.68 -15.42
C ILE B 127 -12.12 28.75 -16.48
N TYR B 128 -13.37 29.15 -16.64
CA TYR B 128 -13.69 30.23 -17.56
C TYR B 128 -13.84 31.54 -16.79
N ALA B 129 -12.73 32.28 -16.71
CA ALA B 129 -12.68 33.48 -15.87
C ALA B 129 -13.01 34.74 -16.65
N THR B 130 -13.44 35.76 -15.92
CA THR B 130 -13.64 37.09 -16.48
C THR B 130 -12.49 37.98 -16.02
N GLU B 131 -11.94 38.78 -16.93
CA GLU B 131 -10.77 39.59 -16.63
C GLU B 131 -10.95 40.46 -15.39
N ASP B 132 -9.93 40.48 -14.53
CA ASP B 132 -9.90 41.24 -13.28
C ASP B 132 -10.93 40.77 -12.25
N ARG B 133 -11.75 39.78 -12.60
CA ARG B 133 -12.71 39.23 -11.65
C ARG B 133 -12.08 38.11 -10.85
N LYS B 134 -11.66 38.44 -9.63
CA LYS B 134 -10.93 37.52 -8.76
C LYS B 134 -11.64 36.17 -8.64
N VAL B 135 -10.96 35.13 -9.13
CA VAL B 135 -11.54 33.79 -9.18
C VAL B 135 -10.84 32.86 -8.18
N GLU B 136 -11.54 31.79 -7.81
CA GLU B 136 -11.08 30.87 -6.78
C GLU B 136 -10.67 29.51 -7.34
N ILE B 137 -9.47 29.06 -6.98
CA ILE B 137 -8.95 27.76 -7.42
C ILE B 137 -8.55 26.90 -6.21
N GLU B 138 -9.28 25.82 -6.00
CA GLU B 138 -9.12 25.00 -4.79
C GLU B 138 -8.51 23.63 -5.07
N CYS B 139 -7.37 23.36 -4.44
CA CYS B 139 -6.76 22.04 -4.49
C CYS B 139 -7.11 21.25 -3.24
N VAL B 140 -7.59 20.02 -3.40
CA VAL B 140 -7.99 19.22 -2.24
C VAL B 140 -7.25 17.88 -2.18
N SER B 141 -6.69 17.58 -1.01
CA SER B 141 -5.95 16.34 -0.79
C SER B 141 -6.60 15.55 0.35
N VAL B 142 -7.38 14.53 0.01
CA VAL B 142 -8.26 13.86 0.98
C VAL B 142 -7.60 12.71 1.72
N GLY B 143 -7.77 12.68 3.04
CA GLY B 143 -7.50 11.49 3.82
C GLY B 143 -6.05 11.12 4.06
N GLY B 144 -5.18 12.12 4.19
CA GLY B 144 -3.80 11.86 4.54
C GLY B 144 -3.59 11.89 6.05
N LYS B 145 -2.62 11.10 6.52
CA LYS B 145 -2.15 11.21 7.90
C LYS B 145 -0.63 11.25 7.89
N PRO B 146 -0.04 12.41 8.23
CA PRO B 146 -0.70 13.67 8.58
C PRO B 146 -1.25 14.36 7.34
N ALA B 147 -1.80 15.56 7.49
CA ALA B 147 -2.32 16.29 6.35
C ALA B 147 -1.20 16.58 5.36
N ALA B 148 -1.53 16.51 4.07
CA ALA B 148 -0.57 16.81 3.03
C ALA B 148 -0.25 18.28 3.03
N GLU B 149 1.01 18.60 2.77
CA GLU B 149 1.38 19.96 2.43
C GLU B 149 1.01 20.16 0.96
N ILE B 150 0.60 21.38 0.62
CA ILE B 150 0.20 21.69 -0.75
C ILE B 150 0.93 22.93 -1.26
N THR B 151 1.53 22.79 -2.44
CA THR B 151 2.25 23.88 -3.07
C THR B 151 1.60 24.24 -4.40
N TRP B 152 1.51 25.55 -4.68
CA TRP B 152 1.02 26.04 -5.96
C TRP B 152 2.18 26.51 -6.83
N ILE B 153 2.14 26.13 -8.11
CA ILE B 153 3.09 26.64 -9.09
C ILE B 153 2.35 27.21 -10.31
N ASP B 154 2.96 28.19 -10.97
CA ASP B 154 2.35 28.76 -12.17
C ASP B 154 2.73 27.96 -13.41
N GLY B 155 2.49 28.53 -14.59
CA GLY B 155 2.80 27.87 -15.84
C GLY B 155 4.29 27.69 -16.09
N LEU B 156 5.10 28.59 -15.56
CA LEU B 156 6.55 28.54 -15.76
C LEU B 156 7.25 27.69 -14.70
N GLY B 157 6.46 27.10 -13.80
CA GLY B 157 7.01 26.25 -12.77
C GLY B 157 7.45 27.00 -11.52
N ASN B 158 7.06 28.27 -11.43
CA ASN B 158 7.40 29.11 -10.29
C ASN B 158 6.47 28.90 -9.09
N VAL B 159 7.06 28.72 -7.91
CA VAL B 159 6.29 28.54 -6.68
C VAL B 159 5.56 29.83 -6.29
N LEU B 160 4.25 29.74 -6.09
CA LEU B 160 3.47 30.90 -5.68
C LEU B 160 3.33 30.92 -4.15
N THR B 161 3.34 32.12 -3.58
CA THR B 161 3.26 32.26 -2.12
C THR B 161 2.14 33.19 -1.68
N ASP B 162 1.76 34.12 -2.55
CA ASP B 162 0.72 35.10 -2.20
C ASP B 162 -0.68 34.58 -2.55
N ASN B 163 -1.68 35.18 -1.91
CA ASN B 163 -3.09 34.89 -2.18
C ASN B 163 -3.48 33.42 -2.01
N ILE B 164 -2.79 32.74 -1.11
CA ILE B 164 -3.05 31.32 -0.85
C ILE B 164 -3.46 31.09 0.61
N GLU B 165 -4.59 30.42 0.81
CA GLU B 165 -5.04 30.06 2.14
C GLU B 165 -5.15 28.54 2.27
N TYR B 166 -4.39 28.00 3.21
CA TYR B 166 -4.30 26.56 3.42
C TYR B 166 -5.03 26.17 4.71
N THR B 167 -5.94 25.21 4.62
CA THR B 167 -6.66 24.75 5.80
C THR B 167 -6.69 23.23 5.88
N VAL B 168 -6.90 22.72 7.08
CA VAL B 168 -6.89 21.28 7.31
C VAL B 168 -8.17 20.85 8.01
N ILE B 169 -8.81 19.81 7.50
CA ILE B 169 -10.06 19.32 8.05
C ILE B 169 -9.93 17.88 8.50
N PRO B 170 -10.13 17.62 9.80
CA PRO B 170 -10.08 16.26 10.35
C PRO B 170 -11.20 15.41 9.77
N LEU B 171 -10.87 14.20 9.32
CA LEU B 171 -11.88 13.26 8.86
C LEU B 171 -12.65 12.74 10.08
N PRO B 172 -13.83 12.11 9.85
CA PRO B 172 -14.61 11.62 10.98
C PRO B 172 -13.85 10.74 11.97
N ASP B 173 -12.79 10.07 11.54
CA ASP B 173 -12.10 9.11 12.40
C ASP B 173 -11.09 9.75 13.35
N GLN B 174 -10.97 11.07 13.28
CA GLN B 174 -10.05 11.83 14.13
C GLN B 174 -8.61 11.31 14.02
N ARG B 175 -8.20 10.90 12.83
CA ARG B 175 -6.81 10.49 12.61
C ARG B 175 -6.31 11.02 11.27
N ARG B 176 -7.13 10.88 10.24
CA ARG B 176 -6.78 11.37 8.92
C ARG B 176 -7.31 12.77 8.71
N PHE B 177 -6.71 13.48 7.76
CA PHE B 177 -7.05 14.86 7.51
C PHE B 177 -7.22 15.09 6.02
N THR B 178 -8.07 16.04 5.69
CA THR B 178 -8.13 16.53 4.33
C THR B 178 -7.48 17.89 4.29
N ALA B 179 -6.51 18.07 3.40
CA ALA B 179 -5.89 19.38 3.23
C ALA B 179 -6.54 20.09 2.04
N LYS B 180 -6.79 21.37 2.20
CA LYS B 180 -7.30 22.20 1.13
C LYS B 180 -6.43 23.43 1.00
N SER B 181 -6.16 23.84 -0.23
CA SER B 181 -5.44 25.07 -0.47
C SER B 181 -6.15 25.86 -1.55
N VAL B 182 -6.54 27.08 -1.21
CA VAL B 182 -7.23 27.95 -2.14
C VAL B 182 -6.31 29.02 -2.70
N LEU B 183 -6.18 29.03 -4.03
CA LEU B 183 -5.45 30.07 -4.72
C LEU B 183 -6.42 31.12 -5.27
N ARG B 184 -6.29 32.36 -4.83
CA ARG B 184 -7.14 33.42 -5.33
C ARG B 184 -6.39 34.21 -6.41
N LEU B 185 -6.85 34.07 -7.64
CA LEU B 185 -6.21 34.71 -8.77
C LEU B 185 -7.04 35.88 -9.29
N THR B 186 -6.40 37.00 -9.56
CA THR B 186 -7.03 38.07 -10.30
C THR B 186 -6.66 37.94 -11.77
N PRO B 187 -7.62 37.48 -12.60
CA PRO B 187 -7.42 37.20 -14.02
C PRO B 187 -6.97 38.41 -14.83
N LYS B 188 -5.71 38.37 -15.26
CA LYS B 188 -5.19 39.34 -16.23
C LYS B 188 -5.26 38.70 -17.61
N LYS B 189 -5.23 39.52 -18.66
CA LYS B 189 -5.31 39.01 -20.03
C LYS B 189 -4.13 38.09 -20.34
N GLU B 190 -3.05 38.24 -19.59
CA GLU B 190 -1.88 37.39 -19.73
C GLU B 190 -2.17 35.96 -19.27
N HIS B 191 -3.14 35.82 -18.37
CA HIS B 191 -3.48 34.51 -17.82
C HIS B 191 -4.30 33.64 -18.79
N HIS B 192 -4.55 34.13 -20.00
CA HIS B 192 -5.35 33.36 -20.95
C HIS B 192 -4.63 32.09 -21.39
N ASN B 193 -5.33 30.97 -21.26
CA ASN B 193 -4.78 29.66 -21.59
C ASN B 193 -3.45 29.40 -20.89
N THR B 194 -3.32 29.86 -19.65
CA THR B 194 -2.19 29.50 -18.82
C THR B 194 -2.62 28.42 -17.83
N ASN B 195 -1.65 27.73 -17.25
CA ASN B 195 -1.93 26.63 -16.36
C ASN B 195 -1.47 26.91 -14.94
N PHE B 196 -2.23 26.41 -13.98
CA PHE B 196 -1.77 26.41 -12.60
C PHE B 196 -1.78 24.99 -12.09
N SER B 197 -0.78 24.63 -11.29
CA SER B 197 -0.71 23.27 -10.77
C SER B 197 -0.52 23.29 -9.27
N CYS B 198 -1.20 22.38 -8.58
CA CYS B 198 -0.92 22.16 -7.17
C CYS B 198 -0.16 20.85 -7.02
N GLN B 199 0.80 20.86 -6.09
CA GLN B 199 1.56 19.67 -5.75
C GLN B 199 1.31 19.36 -4.29
N ALA B 200 0.87 18.13 -4.02
CA ALA B 200 0.48 17.72 -2.67
C ALA B 200 1.34 16.55 -2.21
N GLN B 201 1.77 16.59 -0.96
CA GLN B 201 2.65 15.53 -0.46
C GLN B 201 2.61 15.49 1.06
N ASN B 202 2.43 14.32 1.64
CA ASN B 202 2.62 14.22 3.08
C ASN B 202 3.79 13.31 3.36
N THR B 203 4.06 13.04 4.64
CA THR B 203 5.28 12.32 4.97
C THR B 203 5.19 10.84 4.60
N ALA B 204 3.98 10.36 4.30
CA ALA B 204 3.78 8.98 3.85
C ALA B 204 4.08 8.82 2.35
N ASP B 205 3.99 9.92 1.61
CA ASP B 205 4.17 9.88 0.16
C ASP B 205 5.63 9.66 -0.22
N ARG B 206 5.86 8.91 -1.29
CA ARG B 206 7.23 8.70 -1.76
C ARG B 206 7.72 9.95 -2.52
N THR B 207 6.79 10.66 -3.15
CA THR B 207 7.07 11.92 -3.80
C THR B 207 5.77 12.72 -3.88
N TYR B 208 5.79 13.91 -4.46
CA TYR B 208 4.58 14.71 -4.53
C TYR B 208 3.65 14.18 -5.63
N ARG B 209 2.38 14.57 -5.56
CA ARG B 209 1.42 14.24 -6.60
C ARG B 209 0.81 15.54 -7.08
N SER B 210 0.39 15.58 -8.35
CA SER B 210 -0.01 16.84 -8.98
C SER B 210 -1.41 16.82 -9.61
N ALA B 211 -2.04 18.00 -9.62
CA ALA B 211 -3.23 18.25 -10.42
C ALA B 211 -3.04 19.61 -11.10
N LYS B 212 -3.58 19.75 -12.31
CA LYS B 212 -3.37 20.93 -13.12
C LYS B 212 -4.70 21.47 -13.63
N ILE B 213 -4.81 22.80 -13.76
CA ILE B 213 -5.99 23.41 -14.34
C ILE B 213 -5.60 24.53 -15.31
N ARG B 214 -6.32 24.61 -16.43
CA ARG B 214 -6.11 25.68 -17.40
C ARG B 214 -7.16 26.75 -17.21
N VAL B 215 -6.74 28.01 -17.16
CA VAL B 215 -7.70 29.09 -17.01
C VAL B 215 -7.80 29.93 -18.29
N GLU B 216 -9.03 30.20 -18.71
CA GLU B 216 -9.29 31.10 -19.83
C GLU B 216 -9.81 32.44 -19.31
N VAL B 217 -9.28 33.53 -19.83
CA VAL B 217 -9.70 34.86 -19.40
C VAL B 217 -10.58 35.51 -20.47
N LYS B 218 -11.57 36.28 -20.02
CA LYS B 218 -12.55 36.86 -20.93
C LYS B 218 -12.48 38.38 -20.92
N TYR C 9 -24.61 -8.24 15.63
CA TYR C 9 -25.86 -8.95 15.91
C TYR C 9 -25.63 -10.02 16.99
N GLN C 10 -25.01 -11.12 16.58
CA GLN C 10 -24.63 -12.18 17.50
C GLN C 10 -23.21 -11.97 18.03
N ASN C 11 -22.75 -10.73 17.99
CA ASN C 11 -21.40 -10.41 18.51
C ASN C 11 -21.29 -10.56 20.02
N GLN C 12 -20.14 -11.04 20.48
CA GLN C 12 -19.88 -11.15 21.91
C GLN C 12 -20.18 -9.83 22.63
N ARG C 13 -20.74 -9.95 23.83
CA ARG C 13 -21.15 -8.80 24.61
C ARG C 13 -21.20 -9.21 26.09
N PHE C 14 -21.11 -8.25 27.00
CA PHE C 14 -21.16 -8.60 28.42
C PHE C 14 -22.59 -8.79 28.94
N ALA C 15 -22.82 -9.87 29.66
CA ALA C 15 -24.02 -10.02 30.50
C ALA C 15 -23.81 -9.30 31.84
N MET C 16 -22.57 -9.29 32.32
CA MET C 16 -22.27 -8.61 33.57
C MET C 16 -20.86 -8.07 33.55
N GLU C 17 -20.71 -6.86 34.08
CA GLU C 17 -19.44 -6.18 34.14
C GLU C 17 -19.15 -5.86 35.60
N PRO C 18 -17.88 -5.73 35.95
CA PRO C 18 -17.48 -5.43 37.32
C PRO C 18 -17.72 -3.97 37.70
N GLN C 19 -18.00 -3.74 38.98
CA GLN C 19 -18.19 -2.39 39.53
C GLN C 19 -17.22 -2.20 40.67
N ASP C 20 -17.02 -0.96 41.08
CA ASP C 20 -16.16 -0.65 42.24
C ASP C 20 -16.56 -1.48 43.44
N GLN C 21 -15.57 -2.02 44.15
CA GLN C 21 -15.85 -2.75 45.38
C GLN C 21 -14.87 -2.30 46.44
N THR C 22 -15.26 -2.48 47.69
CA THR C 22 -14.36 -2.22 48.80
C THR C 22 -14.16 -3.54 49.56
N ALA C 23 -12.93 -3.81 50.01
CA ALA C 23 -12.64 -5.07 50.71
C ALA C 23 -11.56 -4.87 51.76
N VAL C 24 -11.67 -5.62 52.85
CA VAL C 24 -10.67 -5.58 53.93
C VAL C 24 -9.55 -6.57 53.66
N VAL C 25 -8.30 -6.21 54.01
CA VAL C 25 -7.19 -7.16 53.92
C VAL C 25 -7.55 -8.49 54.59
N GLY C 26 -7.23 -9.60 53.92
CA GLY C 26 -7.52 -10.91 54.47
C GLY C 26 -8.80 -11.53 53.90
N ALA C 27 -9.68 -10.69 53.38
CA ALA C 27 -10.98 -11.14 52.89
C ALA C 27 -10.88 -11.83 51.52
N ARG C 28 -12.00 -12.39 51.08
CA ARG C 28 -12.14 -12.84 49.70
C ARG C 28 -12.91 -11.78 48.93
N VAL C 29 -12.52 -11.53 47.68
CA VAL C 29 -13.32 -10.65 46.86
C VAL C 29 -13.38 -11.19 45.44
N THR C 30 -14.53 -11.02 44.81
CA THR C 30 -14.79 -11.55 43.47
C THR C 30 -15.37 -10.44 42.61
N LEU C 31 -14.65 -10.10 41.55
CA LEU C 31 -15.09 -9.11 40.58
C LEU C 31 -15.78 -9.83 39.42
N PRO C 32 -17.07 -9.55 39.19
CA PRO C 32 -17.81 -10.35 38.22
C PRO C 32 -17.52 -9.94 36.79
N CYS C 33 -17.49 -10.93 35.89
CA CYS C 33 -17.50 -10.68 34.45
C CYS C 33 -18.10 -11.88 33.77
N ARG C 34 -19.11 -11.63 32.93
CA ARG C 34 -19.76 -12.71 32.23
C ARG C 34 -20.10 -12.26 30.83
N VAL C 35 -19.85 -13.14 29.88
CA VAL C 35 -19.94 -12.81 28.45
C VAL C 35 -20.98 -13.65 27.74
N ILE C 36 -21.79 -12.99 26.91
CA ILE C 36 -22.76 -13.66 26.07
C ILE C 36 -22.15 -13.90 24.70
N ASN C 37 -22.32 -15.10 24.14
CA ASN C 37 -21.76 -15.41 22.82
C ASN C 37 -20.25 -15.12 22.75
N LYS C 38 -19.50 -15.57 23.76
CA LYS C 38 -18.06 -15.34 23.82
C LYS C 38 -17.37 -15.93 22.60
N GLN C 39 -16.54 -15.13 21.93
CA GLN C 39 -15.89 -15.58 20.70
C GLN C 39 -14.35 -15.47 20.78
N GLY C 40 -13.86 -14.44 21.43
CA GLY C 40 -12.42 -14.26 21.60
C GLY C 40 -11.93 -14.78 22.93
N THR C 41 -10.72 -14.35 23.31
CA THR C 41 -10.08 -14.77 24.54
C THR C 41 -10.31 -13.71 25.61
N LEU C 42 -10.71 -14.13 26.80
CA LEU C 42 -10.96 -13.18 27.87
C LEU C 42 -9.76 -13.02 28.77
N GLN C 43 -9.57 -11.80 29.27
CA GLN C 43 -8.48 -11.53 30.18
C GLN C 43 -8.82 -10.34 31.05
N TRP C 44 -8.41 -10.41 32.31
CA TRP C 44 -8.47 -9.26 33.20
C TRP C 44 -7.18 -8.45 33.13
N THR C 45 -7.29 -7.13 33.19
CA THR C 45 -6.11 -6.33 33.49
C THR C 45 -6.22 -5.70 34.86
N LYS C 46 -5.07 -5.51 35.49
CA LYS C 46 -4.95 -4.87 36.81
C LYS C 46 -4.00 -3.68 36.64
N ASP C 47 -4.50 -2.47 36.81
CA ASP C 47 -3.77 -1.25 36.41
C ASP C 47 -3.13 -1.40 35.01
N ASP C 48 -3.89 -1.96 34.07
CA ASP C 48 -3.49 -2.12 32.67
C ASP C 48 -2.40 -3.18 32.49
N PHE C 49 -2.20 -4.01 33.51
CA PHE C 49 -1.30 -5.15 33.39
C PHE C 49 -2.14 -6.40 33.14
N GLY C 50 -1.87 -7.12 32.06
CA GLY C 50 -2.65 -8.31 31.74
C GLY C 50 -2.36 -9.47 32.68
N LEU C 51 -3.39 -9.98 33.35
CA LEU C 51 -3.18 -11.01 34.38
C LEU C 51 -3.00 -12.41 33.81
N GLY C 52 -3.31 -12.60 32.53
CA GLY C 52 -3.16 -13.91 31.89
C GLY C 52 -4.49 -14.45 31.39
N THR C 53 -4.43 -15.48 30.54
CA THR C 53 -5.63 -15.94 29.86
C THR C 53 -6.11 -17.35 30.25
N SER C 54 -5.41 -18.01 31.18
CA SER C 54 -5.89 -19.30 31.69
C SER C 54 -6.49 -19.13 33.08
N ARG C 55 -7.52 -19.93 33.41
CA ARG C 55 -8.30 -19.69 34.63
C ARG C 55 -7.45 -19.69 35.90
N ASP C 56 -6.39 -20.49 35.95
CA ASP C 56 -5.60 -20.56 37.18
C ASP C 56 -4.73 -19.33 37.40
N LEU C 57 -4.55 -18.52 36.35
CA LEU C 57 -3.73 -17.31 36.41
C LEU C 57 -2.38 -17.53 37.11
N SER C 58 -1.55 -18.42 36.58
CA SER C 58 -0.25 -18.66 37.18
C SER C 58 0.58 -17.37 37.18
N GLY C 59 1.40 -17.22 38.21
CA GLY C 59 2.18 -16.00 38.36
C GLY C 59 1.48 -15.04 39.31
N PHE C 60 0.20 -15.30 39.55
CA PHE C 60 -0.58 -14.55 40.52
C PHE C 60 -1.21 -15.56 41.49
N GLU C 61 -0.47 -15.92 42.53
CA GLU C 61 -0.84 -17.04 43.37
C GLU C 61 -2.15 -16.84 44.13
N ARG C 62 -2.60 -15.59 44.28
CA ARG C 62 -3.83 -15.32 45.02
C ARG C 62 -5.04 -15.03 44.11
N TYR C 63 -4.80 -15.04 42.80
CA TYR C 63 -5.86 -14.76 41.80
C TYR C 63 -6.26 -15.97 40.96
N ALA C 64 -7.53 -16.04 40.58
CA ALA C 64 -8.00 -17.01 39.59
C ALA C 64 -9.31 -16.51 38.96
N MET C 65 -9.63 -17.05 37.79
CA MET C 65 -10.90 -16.77 37.14
C MET C 65 -11.84 -17.93 37.41
N VAL C 66 -12.91 -17.66 38.15
CA VAL C 66 -13.82 -18.74 38.55
C VAL C 66 -15.10 -18.58 37.76
N GLY C 67 -15.96 -19.60 37.81
CA GLY C 67 -17.19 -19.62 37.05
C GLY C 67 -17.09 -20.63 35.92
N SER C 68 -18.19 -20.96 35.27
CA SER C 68 -18.15 -22.02 34.27
C SER C 68 -18.03 -21.46 32.84
N ASP C 69 -17.34 -22.21 31.99
CA ASP C 69 -17.21 -21.82 30.58
C ASP C 69 -18.58 -21.79 29.89
N GLU C 70 -19.44 -22.73 30.24
CA GLU C 70 -20.78 -22.81 29.64
C GLU C 70 -21.58 -21.52 29.86
N GLU C 71 -21.40 -20.91 31.01
CA GLU C 71 -22.11 -19.66 31.33
C GLU C 71 -21.42 -18.39 30.85
N GLY C 72 -20.18 -18.50 30.36
CA GLY C 72 -19.41 -17.34 29.97
C GLY C 72 -18.86 -16.57 31.17
N ASP C 73 -18.74 -17.24 32.30
CA ASP C 73 -18.41 -16.58 33.57
C ASP C 73 -16.93 -16.74 33.85
N TYR C 74 -16.22 -15.61 33.90
CA TYR C 74 -14.79 -15.57 34.21
C TYR C 74 -14.55 -14.48 35.25
N SER C 75 -15.17 -14.64 36.41
CA SER C 75 -15.07 -13.64 37.46
C SER C 75 -13.69 -13.71 38.11
N LEU C 76 -13.12 -12.56 38.42
CA LEU C 76 -11.79 -12.49 39.03
C LEU C 76 -11.90 -12.69 40.54
N ASP C 77 -11.39 -13.82 41.01
CA ASP C 77 -11.51 -14.21 42.44
C ASP C 77 -10.18 -13.90 43.11
N ILE C 78 -10.22 -13.13 44.20
CA ILE C 78 -8.99 -12.78 44.94
C ILE C 78 -9.09 -13.20 46.39
N TYR C 79 -8.15 -14.00 46.85
CA TYR C 79 -8.13 -14.42 48.26
C TYR C 79 -6.75 -14.93 48.67
N PRO C 80 -6.21 -14.43 49.81
CA PRO C 80 -6.72 -13.34 50.64
C PRO C 80 -6.39 -11.97 50.05
N VAL C 81 -7.27 -10.99 50.24
CA VAL C 81 -7.05 -9.65 49.74
C VAL C 81 -5.82 -9.06 50.43
N MET C 82 -4.97 -8.36 49.68
CA MET C 82 -3.83 -7.64 50.25
C MET C 82 -3.84 -6.22 49.73
N LEU C 83 -3.07 -5.36 50.38
CA LEU C 83 -3.01 -3.96 49.99
C LEU C 83 -2.55 -3.81 48.53
N ASP C 84 -1.75 -4.77 48.06
CA ASP C 84 -1.23 -4.77 46.69
CA ASP C 84 -1.23 -4.79 46.68
C ASP C 84 -2.37 -4.90 45.65
N ASP C 85 -3.55 -5.28 46.12
CA ASP C 85 -4.69 -5.47 45.22
C ASP C 85 -5.47 -4.19 44.99
N ASP C 86 -5.14 -3.12 45.72
CA ASP C 86 -5.83 -1.85 45.53
C ASP C 86 -5.43 -1.30 44.17
N ALA C 87 -6.35 -1.36 43.22
CA ALA C 87 -6.02 -1.13 41.82
C ALA C 87 -7.30 -1.04 41.00
N ARG C 88 -7.12 -0.71 39.74
CA ARG C 88 -8.23 -0.60 38.78
C ARG C 88 -8.23 -1.82 37.86
N TYR C 89 -9.40 -2.47 37.73
CA TYR C 89 -9.49 -3.73 37.01
C TYR C 89 -10.43 -3.61 35.80
N GLN C 90 -10.14 -4.39 34.77
CA GLN C 90 -11.03 -4.42 33.59
C GLN C 90 -11.07 -5.81 33.00
N CYS C 91 -12.26 -6.20 32.59
CA CYS C 91 -12.49 -7.45 31.87
C CYS C 91 -12.46 -7.19 30.36
N GLN C 92 -11.62 -7.94 29.64
CA GLN C 92 -11.41 -7.72 28.21
C GLN C 92 -11.64 -9.01 27.41
N VAL C 93 -12.21 -8.90 26.22
CA VAL C 93 -12.26 -10.07 25.35
C VAL C 93 -11.75 -9.70 23.96
N SER C 94 -10.79 -10.48 23.46
CA SER C 94 -10.13 -10.19 22.20
C SER C 94 -11.10 -10.40 21.03
N PRO C 95 -10.74 -9.90 19.82
CA PRO C 95 -11.64 -10.11 18.68
C PRO C 95 -11.91 -11.57 18.39
N GLY C 96 -13.10 -11.88 17.90
CA GLY C 96 -13.44 -13.23 17.54
C GLY C 96 -12.84 -13.64 16.21
N PRO C 97 -12.89 -14.94 15.90
CA PRO C 97 -12.34 -15.55 14.68
C PRO C 97 -12.92 -14.98 13.37
N GLU C 98 -14.14 -14.46 13.41
CA GLU C 98 -14.75 -13.89 12.20
C GLU C 98 -14.81 -12.37 12.28
N GLY C 99 -13.95 -11.79 13.11
CA GLY C 99 -13.87 -10.35 13.23
C GLY C 99 -14.88 -9.72 14.18
N GLN C 100 -15.53 -10.54 15.00
CA GLN C 100 -16.40 -9.98 16.03
C GLN C 100 -15.55 -9.10 16.90
N PRO C 101 -15.98 -7.84 17.11
CA PRO C 101 -15.17 -6.83 17.80
C PRO C 101 -14.76 -7.19 19.22
N ALA C 102 -13.53 -6.82 19.57
CA ALA C 102 -13.08 -6.87 20.95
C ALA C 102 -14.03 -6.06 21.84
N ILE C 103 -14.18 -6.45 23.10
CA ILE C 103 -14.98 -5.70 24.05
C ILE C 103 -14.18 -5.47 25.33
N ARG C 104 -14.42 -4.33 25.97
CA ARG C 104 -13.75 -3.97 27.22
C ARG C 104 -14.82 -3.54 28.23
N SER C 105 -14.76 -4.06 29.45
CA SER C 105 -15.78 -3.77 30.44
C SER C 105 -15.60 -2.39 31.03
N THR C 106 -16.58 -1.98 31.83
CA THR C 106 -16.42 -0.86 32.74
C THR C 106 -15.18 -1.11 33.60
N PHE C 107 -14.44 -0.05 33.93
CA PHE C 107 -13.36 -0.21 34.90
C PHE C 107 -13.94 -0.37 36.30
N ALA C 108 -13.32 -1.22 37.11
CA ALA C 108 -13.74 -1.39 38.49
C ALA C 108 -12.59 -1.12 39.43
N GLY C 109 -12.75 -0.14 40.32
CA GLY C 109 -11.73 0.15 41.32
C GLY C 109 -11.93 -0.67 42.57
N LEU C 110 -10.89 -1.43 42.94
CA LEU C 110 -10.95 -2.16 44.21
C LEU C 110 -10.24 -1.34 45.29
N THR C 111 -11.01 -0.92 46.29
CA THR C 111 -10.44 -0.17 47.40
C THR C 111 -10.18 -1.14 48.54
N VAL C 112 -8.91 -1.27 48.93
CA VAL C 112 -8.57 -2.21 49.98
C VAL C 112 -8.41 -1.50 51.32
N LEU C 113 -9.12 -1.96 52.34
CA LEU C 113 -9.07 -1.32 53.65
C LEU C 113 -8.11 -2.06 54.59
N VAL C 114 -7.40 -1.29 55.42
CA VAL C 114 -6.42 -1.81 56.33
C VAL C 114 -6.75 -1.37 57.76
N PRO C 115 -6.95 -2.32 58.66
CA PRO C 115 -7.18 -1.95 60.06
C PRO C 115 -5.89 -1.37 60.68
N PRO C 116 -6.00 -0.29 61.46
CA PRO C 116 -4.83 0.32 62.10
C PRO C 116 -4.27 -0.56 63.24
N GLU C 117 -3.08 -0.22 63.73
CA GLU C 117 -2.55 -0.87 64.93
C GLU C 117 -3.37 -0.38 66.13
N ALA C 118 -3.22 -1.04 67.28
CA ALA C 118 -3.87 -0.59 68.50
C ALA C 118 -3.54 0.87 68.80
N PRO C 119 -4.56 1.64 69.21
CA PRO C 119 -4.31 3.04 69.55
C PRO C 119 -3.43 3.15 70.78
N LYS C 120 -2.60 4.18 70.85
CA LYS C 120 -1.71 4.35 71.97
C LYS C 120 -1.76 5.79 72.47
N ILE C 121 -1.82 5.95 73.79
CA ILE C 121 -1.70 7.27 74.37
C ILE C 121 -0.24 7.50 74.72
N THR C 122 0.36 8.49 74.07
CA THR C 122 1.78 8.78 74.17
C THR C 122 2.26 8.95 75.61
N GLN C 123 1.46 9.61 76.44
CA GLN C 123 1.85 9.86 77.83
C GLN C 123 1.83 8.59 78.67
N GLY C 124 1.31 7.52 78.09
CA GLY C 124 1.32 6.22 78.75
C GLY C 124 0.16 5.97 79.70
N ASP C 125 0.50 5.47 80.89
CA ASP C 125 -0.48 4.97 81.84
C ASP C 125 -1.07 6.05 82.74
N VAL C 126 -0.20 6.93 83.26
CA VAL C 126 -0.64 7.92 84.22
C VAL C 126 -0.05 9.30 83.92
N ILE C 127 -0.85 10.33 84.09
CA ILE C 127 -0.36 11.69 84.00
C ILE C 127 -0.36 12.35 85.37
N TYR C 128 0.81 12.80 85.81
CA TYR C 128 0.94 13.52 87.08
C TYR C 128 0.85 15.01 86.79
N ALA C 129 -0.36 15.56 86.92
CA ALA C 129 -0.62 16.94 86.53
C ALA C 129 -0.64 17.88 87.73
N THR C 130 -0.26 19.13 87.48
CA THR C 130 -0.35 20.19 88.49
C THR C 130 -1.56 21.07 88.19
N GLU C 131 -2.28 21.44 89.24
CA GLU C 131 -3.50 22.24 89.11
C GLU C 131 -3.26 23.49 88.26
N ASP C 132 -4.10 23.66 87.24
CA ASP C 132 -4.06 24.79 86.30
C ASP C 132 -2.81 24.83 85.41
N ARG C 133 -1.94 23.83 85.54
CA ARG C 133 -0.82 23.70 84.61
C ARG C 133 -1.25 22.87 83.40
N LYS C 134 -1.59 23.56 82.33
CA LYS C 134 -2.09 22.95 81.09
C LYS C 134 -1.24 21.76 80.66
N VAL C 135 -1.91 20.67 80.25
CA VAL C 135 -1.22 19.44 79.89
C VAL C 135 -1.80 18.86 78.60
N GLU C 136 -1.00 18.12 77.85
CA GLU C 136 -1.43 17.56 76.56
C GLU C 136 -1.48 16.03 76.57
N ILE C 137 -2.60 15.49 76.14
CA ILE C 137 -2.77 14.04 76.04
C ILE C 137 -2.91 13.65 74.57
N GLU C 138 -2.03 12.78 74.09
CA GLU C 138 -1.97 12.46 72.66
C GLU C 138 -2.33 11.02 72.38
N CYS C 139 -3.33 10.82 71.52
CA CYS C 139 -3.71 9.49 71.07
C CYS C 139 -3.24 9.30 69.63
N VAL C 140 -2.65 8.16 69.34
CA VAL C 140 -2.10 7.89 68.02
C VAL C 140 -2.60 6.55 67.48
N SER C 141 -3.11 6.56 66.25
CA SER C 141 -3.59 5.33 65.63
C SER C 141 -2.79 5.08 64.36
N VAL C 142 -1.84 4.15 64.42
CA VAL C 142 -0.89 3.98 63.32
C VAL C 142 -1.35 3.07 62.19
N GLY C 143 -1.17 3.56 60.96
CA GLY C 143 -1.15 2.72 59.77
C GLY C 143 -2.49 2.23 59.27
N GLY C 144 -3.52 3.06 59.40
CA GLY C 144 -4.83 2.64 58.92
C GLY C 144 -5.03 3.08 57.48
N LYS C 145 -5.85 2.34 56.74
CA LYS C 145 -6.31 2.81 55.44
C LYS C 145 -7.81 2.53 55.40
N PRO C 146 -8.63 3.59 55.49
CA PRO C 146 -8.25 5.00 55.63
C PRO C 146 -7.81 5.34 57.07
N ALA C 147 -7.53 6.62 57.33
CA ALA C 147 -7.12 7.03 58.67
C ALA C 147 -8.24 6.76 59.65
N ALA C 148 -7.89 6.30 60.85
CA ALA C 148 -8.91 6.09 61.88
C ALA C 148 -9.46 7.43 62.36
N GLU C 149 -10.75 7.46 62.67
CA GLU C 149 -11.32 8.57 63.40
C GLU C 149 -11.00 8.35 64.87
N ILE C 150 -10.77 9.44 65.59
CA ILE C 150 -10.48 9.33 67.03
C ILE C 150 -11.46 10.16 67.84
N THR C 151 -12.06 9.53 68.85
CA THR C 151 -12.99 10.19 69.76
C THR C 151 -12.48 10.17 71.19
N TRP C 152 -12.62 11.28 71.89
CA TRP C 152 -12.25 11.36 73.31
C TRP C 152 -13.49 11.31 74.21
N ILE C 153 -13.38 10.60 75.32
CA ILE C 153 -14.44 10.58 76.32
C ILE C 153 -13.86 10.84 77.72
N ASP C 154 -14.68 11.40 78.61
CA ASP C 154 -14.24 11.59 79.99
C ASP C 154 -14.51 10.33 80.82
N GLY C 155 -14.24 10.41 82.11
CA GLY C 155 -14.41 9.27 83.00
C GLY C 155 -15.84 8.79 83.12
N LEU C 156 -16.78 9.68 82.80
CA LEU C 156 -18.20 9.36 82.84
C LEU C 156 -18.66 8.75 81.52
N GLY C 157 -17.90 9.00 80.46
CA GLY C 157 -18.25 8.47 79.15
C GLY C 157 -18.85 9.54 78.24
N ASN C 158 -18.82 10.79 78.69
CA ASN C 158 -19.25 11.89 77.87
C ASN C 158 -18.20 12.22 76.80
N VAL C 159 -18.64 12.30 75.56
CA VAL C 159 -17.77 12.62 74.44
C VAL C 159 -17.32 14.07 74.48
N LEU C 160 -16.00 14.28 74.49
CA LEU C 160 -15.43 15.63 74.49
C LEU C 160 -15.28 16.15 73.07
N THR C 161 -15.48 17.45 72.88
CA THR C 161 -15.32 18.06 71.56
C THR C 161 -14.37 19.25 71.61
N ASP C 162 -14.37 19.98 72.72
CA ASP C 162 -13.56 21.17 72.86
C ASP C 162 -12.10 20.84 73.20
N ASN C 163 -11.19 21.73 72.81
CA ASN C 163 -9.77 21.62 73.12
C ASN C 163 -9.11 20.38 72.52
N ILE C 164 -9.55 19.99 71.33
CA ILE C 164 -9.02 18.81 70.66
C ILE C 164 -8.55 19.15 69.25
N GLU C 165 -7.33 18.73 68.90
CA GLU C 165 -6.89 18.88 67.51
C GLU C 165 -6.50 17.54 66.88
N TYR C 166 -7.19 17.21 65.81
CA TYR C 166 -7.00 15.96 65.08
C TYR C 166 -6.16 16.21 63.83
N THR C 167 -5.10 15.41 63.63
CA THR C 167 -4.30 15.51 62.41
C THR C 167 -4.06 14.13 61.81
N VAL C 168 -3.66 14.12 60.54
CA VAL C 168 -3.40 12.89 59.84
C VAL C 168 -2.01 12.96 59.19
N ILE C 169 -1.25 11.87 59.31
CA ILE C 169 0.09 11.80 58.74
C ILE C 169 0.21 10.62 57.79
N PRO C 170 0.39 10.89 56.49
CA PRO C 170 0.55 9.80 55.52
C PRO C 170 1.79 8.94 55.82
N LEU C 171 1.65 7.63 55.69
CA LEU C 171 2.80 6.73 55.76
C LEU C 171 3.60 6.81 54.47
N PRO C 172 4.86 6.34 54.48
CA PRO C 172 5.69 6.45 53.27
C PRO C 172 5.07 5.84 52.01
N ASP C 173 4.15 4.87 52.15
CA ASP C 173 3.55 4.27 50.95
C ASP C 173 2.47 5.16 50.35
N GLN C 174 2.11 6.22 51.08
CA GLN C 174 1.07 7.16 50.64
C GLN C 174 -0.26 6.45 50.40
N ARG C 175 -0.49 5.37 51.14
CA ARG C 175 -1.79 4.68 51.11
C ARG C 175 -2.36 4.62 52.52
N ARG C 176 -1.48 4.32 53.48
CA ARG C 176 -1.91 4.23 54.86
C ARG C 176 -1.63 5.53 55.59
N PHE C 177 -2.28 5.71 56.73
CA PHE C 177 -2.23 6.96 57.47
C PHE C 177 -2.16 6.71 58.95
N THR C 178 -1.37 7.53 59.63
CA THR C 178 -1.39 7.54 61.07
C THR C 178 -2.24 8.73 61.50
N ALA C 179 -3.23 8.45 62.35
CA ALA C 179 -4.12 9.46 62.86
C ALA C 179 -3.66 9.85 64.24
N LYS C 180 -3.68 11.15 64.54
CA LYS C 180 -3.20 11.65 65.82
C LYS C 180 -4.19 12.65 66.39
N SER C 181 -4.55 12.48 67.66
CA SER C 181 -5.47 13.41 68.30
C SER C 181 -4.92 13.88 69.65
N VAL C 182 -4.78 15.20 69.78
CA VAL C 182 -4.28 15.80 71.01
C VAL C 182 -5.39 16.48 71.81
N LEU C 183 -5.56 16.06 73.05
CA LEU C 183 -6.50 16.70 73.96
C LEU C 183 -5.73 17.61 74.90
N ARG C 184 -6.07 18.89 74.93
CA ARG C 184 -5.43 19.83 75.84
C ARG C 184 -6.31 20.05 77.07
N LEU C 185 -5.77 19.70 78.22
CA LEU C 185 -6.52 19.74 79.47
C LEU C 185 -5.95 20.75 80.45
N THR C 186 -6.84 21.51 81.10
CA THR C 186 -6.45 22.35 82.22
C THR C 186 -6.80 21.63 83.51
N PRO C 187 -5.79 21.03 84.16
CA PRO C 187 -5.99 20.20 85.35
C PRO C 187 -6.64 20.95 86.51
N LYS C 188 -7.83 20.51 86.89
CA LYS C 188 -8.54 21.06 88.04
C LYS C 188 -8.53 20.02 89.17
N LYS C 189 -8.88 20.44 90.39
CA LYS C 189 -8.93 19.54 91.54
C LYS C 189 -9.81 18.31 91.27
N GLU C 190 -10.92 18.55 90.58
CA GLU C 190 -11.89 17.50 90.27
C GLU C 190 -11.32 16.45 89.32
N HIS C 191 -10.20 16.77 88.66
CA HIS C 191 -9.59 15.86 87.71
C HIS C 191 -8.65 14.84 88.35
N HIS C 192 -8.56 14.83 89.68
CA HIS C 192 -7.68 13.88 90.36
C HIS C 192 -8.27 12.47 90.28
N ASN C 193 -7.45 11.54 89.80
CA ASN C 193 -7.86 10.15 89.61
C ASN C 193 -9.09 10.02 88.74
N THR C 194 -9.18 10.87 87.73
CA THR C 194 -10.23 10.75 86.73
C THR C 194 -9.60 10.10 85.49
N ASN C 195 -10.45 9.54 84.63
CA ASN C 195 -9.94 8.87 83.43
C ASN C 195 -10.34 9.56 82.14
N PHE C 196 -9.41 9.57 81.18
CA PHE C 196 -9.70 10.00 79.83
C PHE C 196 -9.38 8.87 78.87
N SER C 197 -10.31 8.58 77.97
CA SER C 197 -10.10 7.53 76.99
C SER C 197 -10.18 8.08 75.58
N CYS C 198 -9.39 7.49 74.69
CA CYS C 198 -9.56 7.74 73.28
C CYS C 198 -10.04 6.46 72.64
N GLN C 199 -11.01 6.58 71.74
CA GLN C 199 -11.52 5.45 70.97
C GLN C 199 -11.18 5.67 69.49
N ALA C 200 -10.57 4.68 68.86
CA ALA C 200 -10.08 4.81 67.49
C ALA C 200 -10.70 3.74 66.61
N GLN C 201 -11.14 4.13 65.41
CA GLN C 201 -11.87 3.22 64.53
C GLN C 201 -11.79 3.72 63.09
N ASN C 202 -11.39 2.85 62.17
CA ASN C 202 -11.56 3.21 60.76
C ASN C 202 -12.58 2.27 60.13
N THR C 203 -12.77 2.38 58.82
CA THR C 203 -13.86 1.63 58.19
C THR C 203 -13.52 0.14 58.03
N ALA C 204 -12.26 -0.20 58.25
CA ALA C 204 -11.84 -1.60 58.25
C ALA C 204 -12.10 -2.31 59.58
N ASP C 205 -12.24 -1.53 60.66
CA ASP C 205 -12.39 -2.10 62.00
C ASP C 205 -13.80 -2.65 62.23
N ARG C 206 -13.92 -3.73 63.01
CA ARG C 206 -15.24 -4.30 63.28
C ARG C 206 -15.92 -3.50 64.37
N THR C 207 -15.12 -2.89 65.24
CA THR C 207 -15.60 -1.97 66.26
C THR C 207 -14.41 -1.08 66.67
N TYR C 208 -14.62 -0.11 67.54
CA TYR C 208 -13.53 0.78 67.93
C TYR C 208 -12.58 0.06 68.86
N ARG C 209 -11.38 0.61 68.99
CA ARG C 209 -10.41 0.16 69.98
C ARG C 209 -10.07 1.33 70.89
N SER C 210 -9.71 1.04 72.13
CA SER C 210 -9.57 2.07 73.15
C SER C 210 -8.20 2.09 73.79
N ALA C 211 -7.79 3.27 74.23
CA ALA C 211 -6.68 3.43 75.17
C ALA C 211 -7.14 4.40 76.26
N LYS C 212 -6.68 4.20 77.47
CA LYS C 212 -7.14 5.00 78.59
C LYS C 212 -5.95 5.56 79.37
N ILE C 213 -6.12 6.74 79.94
CA ILE C 213 -5.10 7.28 80.83
C ILE C 213 -5.75 7.89 82.08
N ARG C 214 -5.10 7.66 83.22
CA ARG C 214 -5.54 8.24 84.49
C ARG C 214 -4.70 9.47 84.77
N VAL C 215 -5.34 10.56 85.19
CA VAL C 215 -4.60 11.78 85.50
C VAL C 215 -4.82 12.20 86.95
N GLU C 216 -3.72 12.52 87.63
CA GLU C 216 -3.77 13.01 89.00
C GLU C 216 -3.45 14.51 89.04
N VAL C 217 -4.10 15.24 89.94
CA VAL C 217 -3.85 16.68 90.07
C VAL C 217 -3.06 16.98 91.34
N LYS C 218 -2.23 18.02 91.30
CA LYS C 218 -1.36 18.36 92.41
C LYS C 218 -1.66 19.76 92.94
N GLN D 10 -19.80 9.43 -20.71
CA GLN D 10 -19.81 8.95 -22.10
C GLN D 10 -18.39 8.80 -22.65
N ASN D 11 -18.09 7.63 -23.19
CA ASN D 11 -16.76 7.34 -23.72
C ASN D 11 -16.47 8.12 -25.01
N GLN D 12 -15.24 8.58 -25.17
CA GLN D 12 -14.79 8.96 -26.49
C GLN D 12 -14.76 7.67 -27.30
N ARG D 13 -15.04 7.75 -28.60
CA ARG D 13 -14.95 6.60 -29.47
C ARG D 13 -14.65 7.08 -30.89
N PHE D 14 -14.38 6.15 -31.78
CA PHE D 14 -14.14 6.50 -33.18
C PHE D 14 -15.42 6.58 -34.00
N ALA D 15 -15.45 7.53 -34.92
CA ALA D 15 -16.45 7.56 -35.99
C ALA D 15 -15.83 7.00 -37.27
N MET D 16 -14.52 7.18 -37.42
CA MET D 16 -13.79 6.60 -38.55
C MET D 16 -12.43 6.10 -38.10
N GLU D 17 -12.08 4.88 -38.50
CA GLU D 17 -10.76 4.33 -38.21
C GLU D 17 -10.01 4.14 -39.53
N PRO D 18 -8.67 4.27 -39.51
CA PRO D 18 -7.94 4.14 -40.77
C PRO D 18 -7.90 2.69 -41.24
N GLN D 19 -8.00 2.50 -42.55
CA GLN D 19 -7.91 1.18 -43.17
C GLN D 19 -6.64 1.04 -44.01
N ASP D 20 -6.25 -0.19 -44.34
CA ASP D 20 -5.08 -0.40 -45.19
C ASP D 20 -5.23 0.36 -46.48
N GLN D 21 -4.16 1.01 -46.92
CA GLN D 21 -4.13 1.69 -48.20
C GLN D 21 -2.84 1.37 -48.94
N THR D 22 -2.88 1.49 -50.26
CA THR D 22 -1.70 1.35 -51.10
C THR D 22 -1.48 2.65 -51.88
N ALA D 23 -0.23 3.09 -52.00
CA ALA D 23 0.07 4.35 -52.66
C ALA D 23 1.42 4.30 -53.37
N VAL D 24 1.53 5.00 -54.49
CA VAL D 24 2.80 5.11 -55.22
C VAL D 24 3.65 6.25 -54.65
N VAL D 25 4.97 6.06 -54.62
CA VAL D 25 5.88 7.15 -54.27
C VAL D 25 5.50 8.42 -55.04
N GLY D 26 5.43 9.55 -54.32
CA GLY D 26 5.12 10.84 -54.91
C GLY D 26 3.65 11.22 -54.79
N ALA D 27 2.80 10.25 -54.50
CA ALA D 27 1.37 10.52 -54.34
C ALA D 27 1.04 11.21 -53.01
N ARG D 28 -0.21 11.64 -52.89
CA ARG D 28 -0.72 12.10 -51.61
C ARG D 28 -1.53 10.98 -51.00
N VAL D 29 -1.38 10.73 -49.70
CA VAL D 29 -2.26 9.74 -49.10
C VAL D 29 -2.77 10.26 -47.77
N THR D 30 -4.03 9.97 -47.46
CA THR D 30 -4.64 10.48 -46.24
C THR D 30 -5.31 9.34 -45.48
N LEU D 31 -4.84 9.08 -44.25
CA LEU D 31 -5.42 8.04 -43.40
C LEU D 31 -6.44 8.67 -42.46
N PRO D 32 -7.72 8.27 -42.62
CA PRO D 32 -8.81 8.84 -41.83
C PRO D 32 -8.72 8.47 -40.37
N CYS D 33 -8.98 9.44 -39.51
CA CYS D 33 -9.32 9.18 -38.11
C CYS D 33 -10.26 10.29 -37.64
N ARG D 34 -11.42 9.90 -37.14
CA ARG D 34 -12.43 10.84 -36.63
C ARG D 34 -12.92 10.36 -35.28
N VAL D 35 -13.05 11.27 -34.32
CA VAL D 35 -13.39 10.88 -32.95
C VAL D 35 -14.69 11.54 -32.52
N ILE D 36 -15.54 10.76 -31.87
CA ILE D 36 -16.78 11.26 -31.30
C ILE D 36 -16.57 11.46 -29.81
N ASN D 37 -17.06 12.58 -29.26
CA ASN D 37 -16.89 12.89 -27.85
C ASN D 37 -15.41 12.90 -27.42
N LYS D 38 -14.55 13.43 -28.28
CA LYS D 38 -13.12 13.50 -28.00
C LYS D 38 -12.83 14.17 -26.65
N GLN D 39 -12.13 13.45 -25.77
CA GLN D 39 -11.80 13.97 -24.44
C GLN D 39 -10.29 14.12 -24.25
N GLY D 40 -9.54 13.12 -24.68
CA GLY D 40 -8.09 13.12 -24.49
C GLY D 40 -7.38 13.75 -25.67
N THR D 41 -6.06 13.61 -25.69
CA THR D 41 -5.24 14.10 -26.78
C THR D 41 -5.03 13.05 -27.85
N LEU D 42 -5.17 13.43 -29.12
CA LEU D 42 -5.00 12.48 -30.22
C LEU D 42 -3.59 12.45 -30.77
N GLN D 43 -3.12 11.25 -31.11
CA GLN D 43 -1.79 11.12 -31.70
C GLN D 43 -1.76 9.89 -32.58
N TRP D 44 -1.05 9.99 -33.69
CA TRP D 44 -0.75 8.85 -34.54
C TRP D 44 0.54 8.19 -34.18
N THR D 45 0.60 6.86 -34.30
CA THR D 45 1.90 6.19 -34.29
C THR D 45 2.18 5.57 -35.65
N LYS D 46 3.47 5.50 -35.97
CA LYS D 46 3.98 4.88 -37.18
C LYS D 46 4.98 3.81 -36.74
N ASP D 47 4.68 2.55 -37.03
CA ASP D 47 5.47 1.46 -36.44
C ASP D 47 5.73 1.72 -34.92
N ASP D 48 4.67 2.11 -34.22
CA ASP D 48 4.69 2.33 -32.75
C ASP D 48 5.59 3.50 -32.33
N PHE D 49 5.99 4.34 -33.29
CA PHE D 49 6.65 5.61 -32.97
C PHE D 49 5.64 6.75 -32.95
N GLY D 50 5.56 7.48 -31.83
CA GLY D 50 4.60 8.57 -31.71
C GLY D 50 4.98 9.76 -32.57
N LEU D 51 4.11 10.13 -33.51
CA LEU D 51 4.40 11.23 -34.45
C LEU D 51 4.25 12.64 -33.87
N GLY D 52 3.60 12.76 -32.72
CA GLY D 52 3.41 14.05 -32.08
C GLY D 52 1.96 14.44 -31.93
N THR D 53 1.68 15.46 -31.13
CA THR D 53 0.29 15.74 -30.79
C THR D 53 -0.19 17.10 -31.28
N SER D 54 0.65 17.80 -32.04
CA SER D 54 0.22 19.03 -32.73
C SER D 54 -0.06 18.76 -34.21
N ARG D 55 -1.03 19.48 -34.78
CA ARG D 55 -1.49 19.18 -36.13
C ARG D 55 -0.40 19.32 -37.19
N ASP D 56 0.57 20.21 -36.97
CA ASP D 56 1.60 20.42 -38.00
C ASP D 56 2.65 19.29 -37.96
N LEU D 57 2.63 18.48 -36.90
CA LEU D 57 3.60 17.38 -36.72
C LEU D 57 5.05 17.79 -37.08
N SER D 58 5.62 18.73 -36.33
CA SER D 58 7.00 19.10 -36.57
C SER D 58 7.95 17.92 -36.33
N GLY D 59 8.98 17.83 -37.16
CA GLY D 59 9.90 16.72 -37.09
C GLY D 59 9.61 15.72 -38.19
N PHE D 60 8.41 15.81 -38.75
CA PHE D 60 8.01 14.99 -39.88
C PHE D 60 7.50 15.92 -40.98
N GLU D 61 8.39 16.34 -41.86
CA GLU D 61 8.13 17.45 -42.76
C GLU D 61 7.00 17.15 -43.76
N ARG D 62 6.75 15.88 -44.04
CA ARG D 62 5.73 15.54 -45.04
C ARG D 62 4.45 15.04 -44.43
N TYR D 63 4.34 15.11 -43.10
CA TYR D 63 3.13 14.67 -42.41
C TYR D 63 2.38 15.80 -41.70
N ALA D 64 1.06 15.72 -41.66
CA ALA D 64 0.27 16.64 -40.86
C ALA D 64 -1.08 15.99 -40.59
N MET D 65 -1.73 16.44 -39.52
CA MET D 65 -3.08 15.97 -39.23
C MET D 65 -4.06 17.00 -39.75
N VAL D 66 -4.89 16.61 -40.71
CA VAL D 66 -5.82 17.53 -41.34
C VAL D 66 -7.24 17.25 -40.85
N GLY D 67 -8.20 18.09 -41.24
CA GLY D 67 -9.57 17.99 -40.76
C GLY D 67 -9.85 19.06 -39.72
N SER D 68 -11.12 19.28 -39.38
CA SER D 68 -11.45 20.31 -38.38
C SER D 68 -11.65 19.72 -36.98
N ASP D 69 -11.25 20.50 -35.97
CA ASP D 69 -11.48 20.13 -34.58
C ASP D 69 -12.96 19.91 -34.33
N GLU D 70 -13.79 20.79 -34.91
CA GLU D 70 -15.23 20.69 -34.75
C GLU D 70 -15.77 19.30 -35.11
N GLU D 71 -15.18 18.69 -36.14
CA GLU D 71 -15.69 17.40 -36.62
C GLU D 71 -14.93 16.24 -35.99
N GLY D 72 -14.00 16.54 -35.10
CA GLY D 72 -13.19 15.52 -34.45
C GLY D 72 -12.28 14.81 -35.43
N ASP D 73 -11.92 15.52 -36.50
CA ASP D 73 -11.20 14.93 -37.61
C ASP D 73 -9.71 15.23 -37.50
N TYR D 74 -8.90 14.17 -37.43
CA TYR D 74 -7.44 14.30 -37.30
C TYR D 74 -6.79 13.30 -38.25
N SER D 75 -7.21 13.31 -39.51
CA SER D 75 -6.68 12.38 -40.49
C SER D 75 -5.20 12.67 -40.77
N LEU D 76 -4.41 11.62 -40.90
CA LEU D 76 -2.98 11.75 -41.14
C LEU D 76 -2.73 11.99 -42.63
N ASP D 77 -2.22 13.18 -42.97
CA ASP D 77 -2.02 13.55 -44.38
C ASP D 77 -0.54 13.42 -44.71
N ILE D 78 -0.22 12.68 -45.77
CA ILE D 78 1.17 12.43 -46.16
C ILE D 78 1.41 12.85 -47.62
N TYR D 79 2.37 13.73 -47.83
CA TYR D 79 2.68 14.18 -49.19
C TYR D 79 4.03 14.88 -49.23
N PRO D 80 4.90 14.49 -50.17
CA PRO D 80 4.75 13.37 -51.10
C PRO D 80 5.11 12.06 -50.42
N VAL D 81 4.42 10.98 -50.77
CA VAL D 81 4.68 9.66 -50.22
C VAL D 81 6.09 9.19 -50.61
N MET D 82 6.79 8.59 -49.65
CA MET D 82 8.14 8.06 -49.89
C MET D 82 8.17 6.61 -49.44
N LEU D 83 9.19 5.86 -49.86
CA LEU D 83 9.33 4.47 -49.44
C LEU D 83 9.32 4.33 -47.90
N ASP D 84 9.96 5.29 -47.23
CA ASP D 84 10.02 5.32 -45.76
C ASP D 84 8.63 5.32 -45.10
N ASP D 85 7.59 5.68 -45.85
CA ASP D 85 6.24 5.71 -45.28
C ASP D 85 5.59 4.34 -45.17
N ASP D 86 6.21 3.33 -45.77
CA ASP D 86 5.65 1.98 -45.75
C ASP D 86 5.76 1.45 -44.32
N ALA D 87 4.62 1.29 -43.65
CA ALA D 87 4.62 1.08 -42.21
C ALA D 87 3.21 0.84 -41.71
N ARG D 88 3.11 0.56 -40.43
CA ARG D 88 1.81 0.32 -39.81
CA ARG D 88 1.82 0.34 -39.80
C ARG D 88 1.46 1.53 -38.94
N TYR D 89 0.26 2.04 -39.12
CA TYR D 89 -0.21 3.25 -38.47
C TYR D 89 -1.38 3.00 -37.52
N GLN D 90 -1.40 3.74 -36.41
CA GLN D 90 -2.53 3.68 -35.48
C GLN D 90 -2.91 5.07 -34.97
N CYS D 91 -4.21 5.32 -34.86
CA CYS D 91 -4.74 6.57 -34.29
C CYS D 91 -5.08 6.35 -32.81
N GLN D 92 -4.52 7.17 -31.92
CA GLN D 92 -4.63 6.98 -30.47
C GLN D 92 -5.22 8.21 -29.78
N VAL D 93 -6.07 8.03 -28.78
CA VAL D 93 -6.51 9.18 -28.00
C VAL D 93 -6.32 8.86 -26.53
N SER D 94 -5.65 9.75 -25.80
CA SER D 94 -5.31 9.50 -24.39
C SER D 94 -6.54 9.61 -23.49
N PRO D 95 -6.41 9.19 -22.20
CA PRO D 95 -7.55 9.34 -21.29
C PRO D 95 -8.00 10.78 -21.17
N GLY D 96 -9.28 11.00 -20.90
CA GLY D 96 -9.83 12.33 -20.76
C GLY D 96 -9.64 12.85 -19.36
N PRO D 97 -9.96 14.13 -19.14
CA PRO D 97 -9.76 14.82 -17.86
C PRO D 97 -10.55 14.21 -16.71
N GLU D 98 -11.64 13.52 -17.04
CA GLU D 98 -12.50 12.94 -16.01
C GLU D 98 -12.29 11.43 -15.93
N GLY D 99 -11.25 10.94 -16.60
CA GLY D 99 -10.92 9.52 -16.52
C GLY D 99 -11.50 8.68 -17.65
N GLN D 100 -12.15 9.31 -18.61
CA GLN D 100 -12.58 8.60 -19.82
C GLN D 100 -11.40 7.81 -20.37
N PRO D 101 -11.57 6.51 -20.56
CA PRO D 101 -10.47 5.63 -20.96
C PRO D 101 -9.93 5.97 -22.36
N ALA D 102 -8.64 5.69 -22.55
CA ALA D 102 -8.00 5.85 -23.85
C ALA D 102 -8.65 4.95 -24.90
N ILE D 103 -8.49 5.32 -26.18
CA ILE D 103 -8.88 4.46 -27.28
C ILE D 103 -7.74 4.34 -28.28
N ARG D 104 -7.63 3.16 -28.89
CA ARG D 104 -6.64 2.90 -29.95
C ARG D 104 -7.37 2.34 -31.17
N SER D 105 -7.09 2.90 -32.35
CA SER D 105 -7.79 2.46 -33.55
C SER D 105 -7.25 1.09 -33.94
N THR D 106 -7.89 0.44 -34.91
CA THR D 106 -7.26 -0.71 -35.54
C THR D 106 -6.01 -0.22 -36.28
N PHE D 107 -5.05 -1.11 -36.54
CA PHE D 107 -3.85 -0.71 -37.28
C PHE D 107 -4.16 -0.63 -38.75
N ALA D 108 -3.55 0.33 -39.44
CA ALA D 108 -3.70 0.41 -40.90
C ALA D 108 -2.31 0.33 -41.51
N GLY D 109 -2.11 -0.62 -42.42
CA GLY D 109 -0.85 -0.74 -43.11
C GLY D 109 -0.81 0.13 -44.36
N LEU D 110 0.24 0.93 -44.51
CA LEU D 110 0.41 1.68 -45.76
C LEU D 110 1.44 0.96 -46.62
N THR D 111 1.01 0.48 -47.78
CA THR D 111 1.93 -0.16 -48.71
C THR D 111 2.33 0.85 -49.75
N VAL D 112 3.63 1.12 -49.84
CA VAL D 112 4.14 2.07 -50.82
C VAL D 112 4.73 1.33 -52.02
N LEU D 113 4.35 1.76 -53.22
CA LEU D 113 4.79 1.11 -54.44
C LEU D 113 5.85 1.98 -55.12
N VAL D 114 6.84 1.31 -55.70
CA VAL D 114 7.97 1.99 -56.33
C VAL D 114 8.13 1.51 -57.77
N PRO D 115 8.00 2.44 -58.74
CA PRO D 115 8.21 2.06 -60.15
C PRO D 115 9.65 1.63 -60.36
N PRO D 116 9.88 0.59 -61.19
CA PRO D 116 11.26 0.18 -61.43
C PRO D 116 11.99 1.13 -62.37
N GLU D 117 13.30 0.92 -62.54
CA GLU D 117 14.07 1.62 -63.57
C GLU D 117 13.69 1.04 -64.93
N ALA D 118 14.11 1.71 -66.01
CA ALA D 118 13.82 1.21 -67.35
C ALA D 118 14.38 -0.20 -67.50
N PRO D 119 13.59 -1.11 -68.11
CA PRO D 119 14.07 -2.46 -68.37
C PRO D 119 15.25 -2.44 -69.33
N LYS D 120 16.17 -3.39 -69.19
CA LYS D 120 17.35 -3.44 -70.04
C LYS D 120 17.66 -4.88 -70.44
N ILE D 121 18.06 -5.06 -71.70
CA ILE D 121 18.49 -6.36 -72.17
C ILE D 121 20.01 -6.44 -72.08
N THR D 122 20.50 -7.41 -71.31
CA THR D 122 21.91 -7.47 -70.96
C THR D 122 22.82 -7.63 -72.17
N GLN D 123 22.33 -8.35 -73.18
CA GLN D 123 23.08 -8.55 -74.41
C GLN D 123 23.00 -7.31 -75.30
N GLY D 124 22.21 -6.34 -74.86
CA GLY D 124 22.19 -5.03 -75.49
C GLY D 124 21.40 -4.91 -76.76
N ASP D 125 22.03 -4.30 -77.76
CA ASP D 125 21.40 -3.86 -78.99
C ASP D 125 21.18 -5.02 -79.96
N VAL D 126 22.22 -5.84 -80.11
CA VAL D 126 22.19 -6.93 -81.08
C VAL D 126 22.89 -8.18 -80.55
N ILE D 127 22.40 -9.35 -80.98
CA ILE D 127 23.08 -10.61 -80.72
C ILE D 127 23.54 -11.24 -82.03
N TYR D 128 24.85 -11.32 -82.20
CA TYR D 128 25.42 -12.04 -83.34
C TYR D 128 25.54 -13.51 -82.96
N ALA D 129 24.62 -14.32 -83.45
CA ALA D 129 24.55 -15.72 -83.03
C ALA D 129 25.00 -16.68 -84.11
N THR D 130 25.12 -17.95 -83.73
CA THR D 130 25.42 -19.02 -84.65
C THR D 130 24.31 -20.07 -84.58
N GLU D 131 23.87 -20.57 -85.73
CA GLU D 131 22.76 -21.52 -85.79
C GLU D 131 23.02 -22.73 -84.89
N ASP D 132 22.01 -23.12 -84.13
CA ASP D 132 22.07 -24.24 -83.18
C ASP D 132 23.09 -24.06 -82.07
N ARG D 133 23.71 -22.89 -82.00
CA ARG D 133 24.59 -22.55 -80.89
C ARG D 133 23.78 -21.79 -79.85
N LYS D 134 23.28 -22.53 -78.87
CA LYS D 134 22.36 -22.02 -77.85
C LYS D 134 22.79 -20.69 -77.24
N VAL D 135 21.83 -19.78 -77.11
CA VAL D 135 22.10 -18.44 -76.62
C VAL D 135 21.03 -18.02 -75.60
N GLU D 136 21.34 -17.05 -74.76
CA GLU D 136 20.39 -16.56 -73.77
C GLU D 136 20.20 -15.05 -73.88
N ILE D 137 18.95 -14.61 -73.79
CA ILE D 137 18.63 -13.18 -73.78
C ILE D 137 18.02 -12.81 -72.43
N GLU D 138 18.63 -11.86 -71.73
CA GLU D 138 18.22 -11.52 -70.38
C GLU D 138 17.65 -10.10 -70.29
N CYS D 139 16.42 -10.01 -69.80
CA CYS D 139 15.79 -8.73 -69.51
C CYS D 139 15.88 -8.47 -68.01
N VAL D 140 16.27 -7.27 -67.62
CA VAL D 140 16.40 -6.93 -66.20
C VAL D 140 15.60 -5.66 -65.87
N SER D 141 14.80 -5.73 -64.81
CA SER D 141 14.06 -4.58 -64.31
C SER D 141 14.50 -4.30 -62.89
N VAL D 142 15.20 -3.17 -62.68
CA VAL D 142 15.82 -2.88 -61.39
C VAL D 142 14.97 -2.01 -60.47
N GLY D 143 14.86 -2.39 -59.21
CA GLY D 143 14.43 -1.48 -58.17
C GLY D 143 12.94 -1.23 -58.01
N GLY D 144 12.12 -2.17 -58.46
CA GLY D 144 10.69 -2.05 -58.32
C GLY D 144 10.18 -2.61 -57.00
N LYS D 145 9.14 -1.99 -56.46
CA LYS D 145 8.39 -2.56 -55.35
C LYS D 145 6.91 -2.54 -55.69
N PRO D 146 6.30 -3.72 -55.92
CA PRO D 146 6.93 -5.05 -55.90
C PRO D 146 7.75 -5.28 -57.16
N ALA D 147 8.29 -6.49 -57.30
CA ALA D 147 9.07 -6.85 -58.47
C ALA D 147 8.21 -6.72 -59.73
N ALA D 148 8.80 -6.19 -60.79
CA ALA D 148 8.10 -6.08 -62.05
C ALA D 148 7.86 -7.46 -62.65
N GLU D 149 6.72 -7.64 -63.28
CA GLU D 149 6.51 -8.83 -64.09
C GLU D 149 7.10 -8.56 -65.46
N ILE D 150 7.65 -9.60 -66.08
CA ILE D 150 8.31 -9.47 -67.38
C ILE D 150 7.71 -10.42 -68.41
N THR D 151 7.29 -9.86 -69.54
CA THR D 151 6.72 -10.64 -70.63
C THR D 151 7.63 -10.58 -71.85
N TRP D 152 7.83 -11.72 -72.50
CA TRP D 152 8.61 -11.77 -73.73
C TRP D 152 7.71 -11.86 -74.96
N ILE D 153 7.97 -11.04 -75.97
CA ILE D 153 7.22 -11.10 -77.23
C ILE D 153 8.17 -11.26 -78.41
N ASP D 154 7.73 -11.98 -79.44
CA ASP D 154 8.55 -12.16 -80.63
C ASP D 154 8.40 -10.96 -81.58
N GLY D 155 8.85 -11.13 -82.82
CA GLY D 155 8.80 -10.05 -83.80
C GLY D 155 7.38 -9.77 -84.29
N LEU D 156 6.50 -10.76 -84.19
CA LEU D 156 5.14 -10.63 -84.67
C LEU D 156 4.20 -10.07 -83.61
N GLY D 157 4.60 -10.15 -82.35
CA GLY D 157 3.79 -9.67 -81.25
C GLY D 157 3.15 -10.81 -80.49
N ASN D 158 3.77 -11.99 -80.57
CA ASN D 158 3.29 -13.14 -79.83
C ASN D 158 4.00 -13.32 -78.49
N VAL D 159 3.22 -13.47 -77.43
CA VAL D 159 3.77 -13.74 -76.10
C VAL D 159 4.48 -15.09 -76.10
N LEU D 160 5.75 -15.07 -75.74
CA LEU D 160 6.51 -16.30 -75.60
C LEU D 160 6.34 -16.82 -74.18
N THR D 161 6.02 -18.09 -74.04
CA THR D 161 5.78 -18.66 -72.73
C THR D 161 6.70 -19.85 -72.46
N ASP D 162 7.48 -20.23 -73.46
CA ASP D 162 8.38 -21.38 -73.35
C ASP D 162 9.84 -20.97 -73.25
N ASN D 163 10.63 -21.81 -72.58
CA ASN D 163 12.08 -21.60 -72.41
C ASN D 163 12.43 -20.29 -71.71
N ILE D 164 11.65 -19.94 -70.69
CA ILE D 164 11.83 -18.69 -69.96
C ILE D 164 12.04 -18.94 -68.47
N GLU D 165 13.09 -18.34 -67.92
CA GLU D 165 13.35 -18.42 -66.49
C GLU D 165 13.24 -17.04 -65.84
N TYR D 166 12.24 -16.89 -64.99
CA TYR D 166 11.98 -15.64 -64.30
C TYR D 166 12.44 -15.74 -62.84
N THR D 167 13.33 -14.84 -62.44
CA THR D 167 13.80 -14.84 -61.05
C THR D 167 13.67 -13.44 -60.45
N VAL D 168 13.62 -13.38 -59.12
CA VAL D 168 13.54 -12.11 -58.42
C VAL D 168 14.63 -12.03 -57.37
N ILE D 169 15.35 -10.92 -57.34
CA ILE D 169 16.42 -10.73 -56.39
C ILE D 169 16.13 -9.54 -55.50
N PRO D 170 16.11 -9.76 -54.18
CA PRO D 170 15.89 -8.66 -53.24
C PRO D 170 17.02 -7.63 -53.30
N LEU D 171 16.68 -6.36 -53.17
CA LEU D 171 17.69 -5.30 -53.12
C LEU D 171 18.18 -5.12 -51.67
N PRO D 172 19.33 -4.45 -51.49
CA PRO D 172 19.90 -4.21 -50.15
C PRO D 172 18.92 -3.69 -49.09
N ASP D 173 17.94 -2.87 -49.48
CA ASP D 173 17.03 -2.28 -48.48
C ASP D 173 15.93 -3.26 -48.04
N GLN D 174 15.94 -4.45 -48.63
CA GLN D 174 14.93 -5.49 -48.36
C GLN D 174 13.50 -4.97 -48.53
N ARG D 175 13.30 -4.08 -49.50
CA ARG D 175 11.96 -3.60 -49.82
C ARG D 175 11.73 -3.62 -51.32
N ARG D 176 12.74 -3.17 -52.07
CA ARG D 176 12.67 -3.16 -53.53
C ARG D 176 13.30 -4.42 -54.11
N PHE D 177 12.92 -4.74 -55.36
CA PHE D 177 13.41 -5.96 -55.98
C PHE D 177 13.93 -5.71 -57.39
N THR D 178 14.91 -6.51 -57.79
CA THR D 178 15.31 -6.56 -59.19
C THR D 178 14.78 -7.84 -59.82
N ALA D 179 13.98 -7.69 -60.87
CA ALA D 179 13.44 -8.82 -61.61
C ALA D 179 14.27 -9.12 -62.86
N LYS D 180 14.56 -10.40 -63.07
CA LYS D 180 15.30 -10.83 -64.25
C LYS D 180 14.52 -11.91 -64.97
N SER D 181 14.59 -11.91 -66.30
CA SER D 181 13.94 -12.93 -67.10
C SER D 181 14.84 -13.34 -68.26
N VAL D 182 15.17 -14.63 -68.29
CA VAL D 182 16.08 -15.16 -69.30
C VAL D 182 15.34 -16.05 -70.31
N LEU D 183 15.51 -15.74 -71.59
CA LEU D 183 14.94 -16.54 -72.66
C LEU D 183 16.02 -17.41 -73.31
N ARG D 184 15.83 -18.72 -73.27
CA ARG D 184 16.75 -19.64 -73.94
C ARG D 184 16.37 -19.80 -75.41
N LEU D 185 17.29 -19.46 -76.29
CA LEU D 185 17.03 -19.49 -77.72
C LEU D 185 17.98 -20.40 -78.47
N THR D 186 17.45 -21.19 -79.38
CA THR D 186 18.27 -21.92 -80.34
C THR D 186 18.22 -21.18 -81.67
N PRO D 187 19.34 -20.55 -82.05
CA PRO D 187 19.40 -19.76 -83.28
C PRO D 187 19.05 -20.55 -84.55
N LYS D 188 18.10 -20.02 -85.32
CA LYS D 188 17.66 -20.63 -86.57
C LYS D 188 17.86 -19.65 -87.72
N LYS D 189 17.97 -20.16 -88.94
CA LYS D 189 18.15 -19.32 -90.12
C LYS D 189 17.03 -18.29 -90.26
N GLU D 190 15.83 -18.67 -89.88
CA GLU D 190 14.68 -17.78 -89.91
C GLU D 190 14.84 -16.60 -88.94
N HIS D 191 15.50 -16.87 -87.82
CA HIS D 191 15.68 -15.85 -86.77
C HIS D 191 16.66 -14.74 -87.16
N HIS D 192 17.10 -14.73 -88.42
CA HIS D 192 18.04 -13.71 -88.86
C HIS D 192 17.38 -12.33 -88.94
N ASN D 193 18.03 -11.34 -88.33
CA ASN D 193 17.54 -9.96 -88.29
C ASN D 193 16.10 -9.82 -87.76
N THR D 194 15.68 -10.76 -86.91
CA THR D 194 14.38 -10.66 -86.28
C THR D 194 14.54 -10.02 -84.91
N ASN D 195 13.42 -9.65 -84.28
CA ASN D 195 13.48 -8.93 -83.01
C ASN D 195 12.84 -9.68 -81.85
N PHE D 196 13.41 -9.50 -80.67
CA PHE D 196 12.78 -9.94 -79.42
C PHE D 196 12.65 -8.76 -78.47
N SER D 197 11.50 -8.66 -77.82
CA SER D 197 11.22 -7.58 -76.89
C SER D 197 10.80 -8.14 -75.55
N CYS D 198 11.22 -7.49 -74.48
CA CYS D 198 10.63 -7.76 -73.18
C CYS D 198 9.78 -6.56 -72.78
N GLN D 199 8.68 -6.83 -72.08
CA GLN D 199 7.82 -5.79 -71.54
C GLN D 199 7.77 -5.96 -70.03
N ALA D 200 8.14 -4.91 -69.30
CA ALA D 200 8.26 -4.98 -67.85
C ALA D 200 7.27 -4.02 -67.20
N GLN D 201 6.56 -4.48 -66.17
CA GLN D 201 5.56 -3.65 -65.52
C GLN D 201 5.32 -4.15 -64.11
N ASN D 202 5.34 -3.25 -63.13
CA ASN D 202 4.88 -3.61 -61.80
C ASN D 202 3.63 -2.79 -61.50
N THR D 203 3.06 -2.98 -60.31
CA THR D 203 1.78 -2.35 -59.99
C THR D 203 1.89 -0.84 -59.82
N ALA D 204 3.11 -0.33 -59.64
CA ALA D 204 3.36 1.10 -59.54
C ALA D 204 3.32 1.78 -60.91
N ASP D 205 3.66 1.02 -61.95
CA ASP D 205 3.78 1.56 -63.32
C ASP D 205 2.45 2.00 -63.92
N ARG D 206 2.45 3.09 -64.68
CA ARG D 206 1.22 3.51 -65.34
C ARG D 206 0.95 2.60 -66.55
N THR D 207 2.02 2.14 -67.19
CA THR D 207 1.90 1.17 -68.27
C THR D 207 3.20 0.39 -68.31
N TYR D 208 3.33 -0.53 -69.27
CA TYR D 208 4.55 -1.34 -69.33
C TYR D 208 5.66 -0.54 -69.97
N ARG D 209 6.91 -0.97 -69.76
CA ARG D 209 8.04 -0.37 -70.44
C ARG D 209 8.77 -1.47 -71.22
N SER D 210 9.39 -1.10 -72.34
CA SER D 210 9.95 -2.10 -73.25
C SER D 210 11.45 -1.93 -73.51
N ALA D 211 12.12 -3.05 -73.74
CA ALA D 211 13.44 -3.06 -74.34
C ALA D 211 13.42 -4.06 -75.48
N LYS D 212 14.24 -3.81 -76.51
CA LYS D 212 14.21 -4.64 -77.71
C LYS D 212 15.61 -5.08 -78.12
N ILE D 213 15.73 -6.31 -78.64
CA ILE D 213 17.00 -6.77 -79.16
C ILE D 213 16.82 -7.42 -80.52
N ARG D 214 17.78 -7.15 -81.42
CA ARG D 214 17.79 -7.79 -82.73
C ARG D 214 18.81 -8.92 -82.69
N VAL D 215 18.50 -10.01 -83.38
CA VAL D 215 19.42 -11.14 -83.43
C VAL D 215 19.77 -11.51 -84.86
N GLU D 216 21.06 -11.71 -85.11
CA GLU D 216 21.54 -12.22 -86.40
C GLU D 216 21.97 -13.68 -86.25
N VAL D 217 21.78 -14.46 -87.31
CA VAL D 217 22.14 -15.87 -87.29
C VAL D 217 23.24 -16.15 -88.33
N LYS D 218 23.98 -17.24 -88.12
CA LYS D 218 25.10 -17.57 -88.99
C LYS D 218 25.00 -18.99 -89.51
NA NA E . 0.65 13.30 -15.70
C1 GOL F . 6.29 -7.06 -17.43
O1 GOL F . 5.10 -7.81 -17.60
C2 GOL F . 6.56 -6.27 -18.70
O2 GOL F . 5.37 -6.16 -19.44
C3 GOL F . 7.60 -7.00 -19.55
O3 GOL F . 7.59 -6.51 -20.87
C1 GOL G . -2.15 1.87 -22.60
O1 GOL G . -0.78 1.68 -22.89
C2 GOL G . -2.29 3.04 -21.62
O2 GOL G . -2.43 2.56 -20.30
C3 GOL G . -3.52 3.85 -22.03
O3 GOL G . -4.20 4.29 -20.87
NA NA H . -1.71 -13.19 15.42
C1 GOL I . 2.65 -10.55 10.75
O1 GOL I . 2.06 -11.18 9.63
C2 GOL I . 3.02 -11.58 11.81
O2 GOL I . 1.89 -12.38 12.13
C3 GOL I . 4.15 -12.46 11.27
O3 GOL I . 5.27 -12.36 12.12
C1 GOL J . 1.32 7.96 17.89
O1 GOL J . 0.06 8.47 17.51
C2 GOL J . 1.15 6.97 19.03
O2 GOL J . -0.15 6.42 18.99
C3 GOL J . 1.30 7.72 20.35
O3 GOL J . 0.06 7.74 21.01
NA NA K . -3.27 -17.65 40.21
NA NA L . 4.87 17.68 -40.18
C1 GOL M . 1.97 18.35 -46.82
O1 GOL M . 2.99 17.43 -47.14
C2 GOL M . 0.86 17.65 -46.04
O2 GOL M . 1.35 17.17 -44.80
C3 GOL M . -0.21 18.72 -45.87
O3 GOL M . -1.23 18.25 -45.02
C1 GOL N . 3.75 -3.45 -45.11
O1 GOL N . 3.74 -2.80 -46.35
C2 GOL N . 2.47 -3.12 -44.36
O2 GOL N . 1.54 -2.53 -45.24
C3 GOL N . 2.81 -2.14 -43.25
O3 GOL N . 4.00 -2.55 -42.62
#